data_2M6N
#
_entry.id   2M6N
#
loop_
_entity.id
_entity.type
_entity.pdbx_description
1 polymer 'F-box only protein 5'
2 non-polymer 'ZINC ION'
#
_entity_poly.entity_id   1
_entity_poly.type   'polypeptide(L)'
_entity_poly.pdbx_seq_one_letter_code
;GSEVAKTLKKNESLKACIRCNSPAKYDCYLQRATCKREGCGFDYCTKCLCNYHTTKDCSDGKLLKASCKIGPLPGTKKSK
KNLRRL
;
_entity_poly.pdbx_strand_id   A
#
# COMPACT_ATOMS: atom_id res chain seq x y z
N SER A 13 -9.58 9.65 -1.80
CA SER A 13 -8.95 8.82 -2.81
C SER A 13 -7.84 7.96 -2.21
N LEU A 14 -7.52 8.23 -0.96
CA LEU A 14 -6.47 7.48 -0.26
C LEU A 14 -6.88 6.03 -0.06
N LYS A 15 -5.89 5.15 0.03
CA LYS A 15 -6.15 3.73 0.23
C LYS A 15 -6.13 3.37 1.71
N ALA A 16 -7.15 2.64 2.16
CA ALA A 16 -7.25 2.23 3.56
C ALA A 16 -6.44 0.96 3.81
N CYS A 17 -5.43 1.07 4.67
CA CYS A 17 -4.58 -0.06 5.00
C CYS A 17 -5.41 -1.25 5.44
N ILE A 18 -4.85 -2.45 5.29
CA ILE A 18 -5.53 -3.67 5.67
C ILE A 18 -5.41 -3.93 7.16
N ARG A 19 -4.76 -3.01 7.87
CA ARG A 19 -4.56 -3.14 9.30
C ARG A 19 -5.58 -2.31 10.07
N CYS A 20 -5.42 -0.99 10.04
CA CYS A 20 -6.32 -0.08 10.73
C CYS A 20 -6.97 0.89 9.75
N ASN A 21 -6.93 0.54 8.46
CA ASN A 21 -7.51 1.38 7.42
C ASN A 21 -7.00 2.81 7.53
N SER A 22 -5.70 2.99 7.29
CA SER A 22 -5.09 4.31 7.36
C SER A 22 -4.99 4.94 5.98
N PRO A 23 -4.83 6.28 5.95
CA PRO A 23 -4.71 7.03 4.69
C PRO A 23 -3.40 6.75 3.97
N ALA A 24 -3.43 5.76 3.08
CA ALA A 24 -2.24 5.40 2.31
C ALA A 24 -2.27 6.03 0.93
N LYS A 25 -1.14 6.63 0.53
CA LYS A 25 -1.04 7.27 -0.77
C LYS A 25 -1.31 6.28 -1.89
N TYR A 26 -2.51 6.35 -2.46
CA TYR A 26 -2.90 5.44 -3.54
C TYR A 26 -2.38 5.97 -4.88
N ASP A 27 -1.69 5.10 -5.62
CA ASP A 27 -1.15 5.47 -6.93
C ASP A 27 -1.70 4.56 -8.02
N CYS A 28 -2.72 5.05 -8.72
CA CYS A 28 -3.35 4.27 -9.79
C CYS A 28 -2.33 3.94 -10.88
N TYR A 29 -1.26 4.72 -10.93
CA TYR A 29 -0.22 4.50 -11.92
C TYR A 29 0.25 3.05 -11.93
N LEU A 30 0.58 2.53 -10.74
CA LEU A 30 1.03 1.15 -10.61
C LEU A 30 0.13 0.38 -9.65
N GLN A 31 -1.04 0.95 -9.35
CA GLN A 31 -1.98 0.30 -8.46
C GLN A 31 -1.31 -0.10 -7.14
N ARG A 32 -0.59 0.84 -6.55
CA ARG A 32 0.11 0.58 -5.29
C ARG A 32 -0.32 1.59 -4.22
N ALA A 33 -0.16 1.20 -2.96
CA ALA A 33 -0.52 2.07 -1.84
C ALA A 33 0.57 2.09 -0.79
N THR A 34 0.81 3.26 -0.20
CA THR A 34 1.83 3.41 0.81
C THR A 34 1.25 4.01 2.09
N CYS A 35 1.09 3.19 3.12
CA CYS A 35 0.54 3.63 4.39
C CYS A 35 1.30 4.84 4.91
N LYS A 36 0.57 5.88 5.30
CA LYS A 36 1.17 7.10 5.82
C LYS A 36 1.23 7.08 7.34
N ARG A 37 1.42 5.89 7.91
CA ARG A 37 1.48 5.74 9.36
C ARG A 37 2.91 5.40 9.80
N GLU A 38 3.33 6.02 10.90
CA GLU A 38 4.66 5.79 11.43
C GLU A 38 4.80 4.36 11.98
N GLY A 39 3.67 3.68 12.12
CA GLY A 39 3.68 2.32 12.62
C GLY A 39 3.70 1.28 11.51
N CYS A 40 3.44 1.73 10.29
CA CYS A 40 3.43 0.84 9.13
C CYS A 40 4.41 1.30 8.07
N GLY A 41 3.99 2.30 7.29
CA GLY A 41 4.85 2.83 6.24
C GLY A 41 5.45 1.74 5.38
N PHE A 42 4.60 1.00 4.69
CA PHE A 42 5.05 -0.09 3.82
C PHE A 42 4.35 -0.03 2.47
N ASP A 43 5.03 -0.55 1.44
CA ASP A 43 4.47 -0.55 0.09
C ASP A 43 3.71 -1.85 -0.18
N TYR A 44 2.59 -1.74 -0.87
CA TYR A 44 1.77 -2.91 -1.19
C TYR A 44 0.82 -2.60 -2.34
N CYS A 45 0.46 -3.63 -3.10
CA CYS A 45 -0.46 -3.48 -4.23
C CYS A 45 -1.89 -3.28 -3.74
N THR A 46 -2.56 -2.28 -4.30
CA THR A 46 -3.94 -1.99 -3.93
C THR A 46 -4.91 -2.94 -4.62
N LYS A 47 -4.37 -3.81 -5.47
CA LYS A 47 -5.20 -4.77 -6.20
C LYS A 47 -5.46 -6.00 -5.34
N CYS A 48 -4.40 -6.57 -4.79
CA CYS A 48 -4.51 -7.76 -3.96
C CYS A 48 -4.22 -7.44 -2.50
N LEU A 49 -3.97 -6.15 -2.22
CA LEU A 49 -3.67 -5.71 -0.87
C LEU A 49 -2.56 -6.55 -0.24
N CYS A 50 -1.65 -7.03 -1.09
CA CYS A 50 -0.53 -7.85 -0.62
C CYS A 50 0.80 -7.19 -0.94
N ASN A 51 1.90 -7.90 -0.69
CA ASN A 51 3.23 -7.38 -0.94
C ASN A 51 3.34 -6.85 -2.37
N TYR A 52 3.99 -5.71 -2.52
CA TYR A 52 4.17 -5.09 -3.82
C TYR A 52 5.38 -5.66 -4.54
N HIS A 53 5.29 -5.76 -5.86
CA HIS A 53 6.39 -6.29 -6.67
C HIS A 53 7.67 -5.47 -6.46
N THR A 54 8.66 -6.08 -5.81
CA THR A 54 9.92 -5.39 -5.55
C THR A 54 11.10 -6.24 -5.99
N THR A 55 12.31 -5.75 -5.74
CA THR A 55 13.53 -6.47 -6.12
C THR A 55 13.50 -7.91 -5.61
N LYS A 56 12.81 -8.12 -4.50
CA LYS A 56 12.70 -9.44 -3.90
C LYS A 56 11.65 -10.29 -4.63
N ASP A 57 10.39 -9.98 -4.38
CA ASP A 57 9.29 -10.70 -5.02
C ASP A 57 7.94 -10.16 -4.56
N CYS A 58 6.87 -10.69 -5.13
CA CYS A 58 5.52 -10.25 -4.78
C CYS A 58 4.78 -11.33 -4.00
N SER A 13 -9.37 9.57 -2.03
CA SER A 13 -8.24 9.24 -2.88
C SER A 13 -7.28 8.29 -2.17
N LEU A 14 -7.45 8.17 -0.86
CA LEU A 14 -6.60 7.29 -0.05
C LEU A 14 -7.20 5.90 0.06
N LYS A 15 -6.37 4.93 0.43
CA LYS A 15 -6.82 3.56 0.58
C LYS A 15 -6.99 3.18 2.05
N ALA A 16 -7.32 1.92 2.31
CA ALA A 16 -7.49 1.44 3.67
C ALA A 16 -6.55 0.28 3.98
N CYS A 17 -5.52 0.56 4.77
CA CYS A 17 -4.55 -0.46 5.14
C CYS A 17 -5.24 -1.71 5.67
N ILE A 18 -4.56 -2.85 5.52
CA ILE A 18 -5.12 -4.12 5.98
C ILE A 18 -4.89 -4.31 7.48
N ARG A 19 -4.29 -3.32 8.11
CA ARG A 19 -4.01 -3.37 9.54
C ARG A 19 -5.08 -2.62 10.34
N CYS A 20 -5.08 -1.30 10.21
CA CYS A 20 -6.05 -0.47 10.92
C CYS A 20 -6.81 0.43 9.94
N ASN A 21 -6.81 0.04 8.67
CA ASN A 21 -7.50 0.82 7.64
C ASN A 21 -7.07 2.28 7.69
N SER A 22 -5.82 2.54 7.34
CA SER A 22 -5.29 3.90 7.34
C SER A 22 -5.20 4.45 5.93
N PRO A 23 -5.11 5.78 5.81
CA PRO A 23 -5.02 6.46 4.52
C PRO A 23 -3.68 6.22 3.83
N ALA A 24 -3.66 5.32 2.86
CA ALA A 24 -2.44 4.99 2.13
C ALA A 24 -2.41 5.71 0.78
N LYS A 25 -1.30 6.39 0.51
CA LYS A 25 -1.15 7.11 -0.74
C LYS A 25 -1.38 6.20 -1.94
N TYR A 26 -2.53 6.36 -2.59
CA TYR A 26 -2.87 5.53 -3.75
C TYR A 26 -2.19 6.06 -5.01
N ASP A 27 -1.52 5.17 -5.72
CA ASP A 27 -0.83 5.55 -6.95
C ASP A 27 -1.34 4.73 -8.13
N CYS A 28 -2.40 5.22 -8.77
CA CYS A 28 -2.99 4.52 -9.92
C CYS A 28 -1.93 4.20 -10.96
N TYR A 29 -0.87 5.01 -10.99
CA TYR A 29 0.21 4.81 -11.95
C TYR A 29 0.71 3.37 -11.93
N LEU A 30 0.91 2.84 -10.72
CA LEU A 30 1.38 1.47 -10.56
C LEU A 30 0.41 0.65 -9.72
N GLN A 31 -0.79 1.19 -9.53
CA GLN A 31 -1.82 0.52 -8.74
C GLN A 31 -1.26 0.05 -7.41
N ARG A 32 -0.61 0.96 -6.69
CA ARG A 32 -0.03 0.64 -5.40
C ARG A 32 -0.49 1.63 -4.33
N ALA A 33 -0.37 1.22 -3.07
CA ALA A 33 -0.78 2.07 -1.96
C ALA A 33 0.24 2.01 -0.82
N THR A 34 0.63 3.19 -0.32
CA THR A 34 1.59 3.27 0.76
C THR A 34 0.98 3.89 2.01
N CYS A 35 0.91 3.10 3.08
CA CYS A 35 0.34 3.58 4.34
C CYS A 35 1.00 4.88 4.78
N LYS A 36 0.18 5.84 5.17
CA LYS A 36 0.67 7.14 5.63
C LYS A 36 0.76 7.19 7.15
N ARG A 37 1.02 6.05 7.76
CA ARG A 37 1.13 5.96 9.21
C ARG A 37 2.57 5.72 9.64
N GLU A 38 3.06 6.54 10.56
CA GLU A 38 4.43 6.42 11.04
C GLU A 38 4.69 5.02 11.59
N GLY A 39 3.63 4.36 12.03
CA GLY A 39 3.75 3.01 12.57
C GLY A 39 3.90 1.96 11.49
N CYS A 40 3.41 2.28 10.29
CA CYS A 40 3.48 1.35 9.17
C CYS A 40 4.42 1.87 8.08
N GLY A 41 3.93 2.82 7.28
CA GLY A 41 4.74 3.38 6.22
C GLY A 41 5.41 2.31 5.37
N PHE A 42 4.59 1.51 4.69
CA PHE A 42 5.12 0.45 3.84
C PHE A 42 4.40 0.43 2.49
N ASP A 43 5.13 0.08 1.44
CA ASP A 43 4.57 0.03 0.10
C ASP A 43 3.98 -1.34 -0.18
N TYR A 44 2.84 -1.37 -0.88
CA TYR A 44 2.18 -2.62 -1.21
C TYR A 44 1.13 -2.40 -2.31
N CYS A 45 0.75 -3.48 -2.97
CA CYS A 45 -0.24 -3.41 -4.04
C CYS A 45 -1.59 -2.97 -3.50
N THR A 46 -2.22 -2.01 -4.18
CA THR A 46 -3.51 -1.51 -3.76
C THR A 46 -4.65 -2.39 -4.27
N LYS A 47 -4.32 -3.27 -5.21
CA LYS A 47 -5.31 -4.18 -5.79
C LYS A 47 -5.27 -5.54 -5.11
N CYS A 48 -4.06 -5.99 -4.77
CA CYS A 48 -3.89 -7.28 -4.11
C CYS A 48 -3.72 -7.10 -2.60
N LEU A 49 -3.43 -5.87 -2.19
CA LEU A 49 -3.25 -5.56 -0.78
C LEU A 49 -2.12 -6.41 -0.18
N CYS A 50 -1.22 -6.89 -1.04
CA CYS A 50 -0.11 -7.71 -0.59
C CYS A 50 1.22 -7.07 -0.99
N ASN A 51 2.31 -7.78 -0.72
CA ASN A 51 3.64 -7.28 -1.04
C ASN A 51 3.72 -6.82 -2.50
N TYR A 52 4.26 -5.64 -2.71
CA TYR A 52 4.38 -5.08 -4.05
C TYR A 52 5.52 -5.74 -4.82
N HIS A 53 5.42 -5.76 -6.13
CA HIS A 53 6.44 -6.36 -6.98
C HIS A 53 7.71 -5.50 -6.99
N THR A 54 8.53 -5.66 -5.96
CA THR A 54 9.78 -4.90 -5.86
C THR A 54 10.68 -5.49 -4.78
N THR A 55 10.56 -6.79 -4.56
CA THR A 55 11.37 -7.48 -3.56
C THR A 55 11.79 -8.86 -4.04
N LYS A 56 11.89 -9.02 -5.36
CA LYS A 56 12.28 -10.30 -5.95
C LYS A 56 11.24 -11.37 -5.67
N ASP A 57 10.06 -10.94 -5.21
CA ASP A 57 8.98 -11.87 -4.90
C ASP A 57 7.75 -11.12 -4.42
N CYS A 58 6.65 -11.25 -5.15
CA CYS A 58 5.41 -10.58 -4.80
C CYS A 58 4.67 -11.36 -3.70
N SER A 13 -9.93 7.92 -3.12
CA SER A 13 -8.55 8.04 -3.60
C SER A 13 -7.63 7.10 -2.83
N LEU A 14 -7.30 7.49 -1.61
CA LEU A 14 -6.41 6.69 -0.76
C LEU A 14 -7.01 5.31 -0.51
N LYS A 15 -6.19 4.39 -0.01
CA LYS A 15 -6.64 3.03 0.29
C LYS A 15 -6.70 2.80 1.79
N ALA A 16 -7.36 1.71 2.19
CA ALA A 16 -7.49 1.37 3.60
C ALA A 16 -6.51 0.26 3.98
N CYS A 17 -5.53 0.61 4.81
CA CYS A 17 -4.53 -0.35 5.26
C CYS A 17 -5.19 -1.62 5.79
N ILE A 18 -4.51 -2.75 5.66
CA ILE A 18 -5.03 -4.03 6.12
C ILE A 18 -4.80 -4.20 7.62
N ARG A 19 -4.23 -3.18 8.25
CA ARG A 19 -3.96 -3.22 9.67
C ARG A 19 -5.06 -2.53 10.47
N CYS A 20 -5.30 -1.27 10.16
CA CYS A 20 -6.34 -0.49 10.84
C CYS A 20 -7.09 0.40 9.85
N ASN A 21 -7.07 0.01 8.58
CA ASN A 21 -7.75 0.77 7.53
C ASN A 21 -7.34 2.24 7.59
N SER A 22 -6.04 2.49 7.49
CA SER A 22 -5.52 3.86 7.53
C SER A 22 -5.41 4.43 6.13
N PRO A 23 -5.33 5.77 6.03
CA PRO A 23 -5.21 6.47 4.75
C PRO A 23 -3.86 6.26 4.09
N ALA A 24 -3.84 5.46 3.03
CA ALA A 24 -2.62 5.17 2.30
C ALA A 24 -2.62 5.84 0.93
N LYS A 25 -1.55 6.59 0.64
CA LYS A 25 -1.43 7.27 -0.64
C LYS A 25 -1.56 6.30 -1.81
N TYR A 26 -2.67 6.40 -2.52
CA TYR A 26 -2.92 5.52 -3.67
C TYR A 26 -2.25 6.07 -4.93
N ASP A 27 -1.52 5.22 -5.63
CA ASP A 27 -0.85 5.61 -6.85
C ASP A 27 -1.30 4.75 -8.04
N CYS A 28 -2.31 5.22 -8.74
CA CYS A 28 -2.84 4.50 -9.90
C CYS A 28 -1.74 4.20 -10.90
N TYR A 29 -0.69 5.01 -10.88
CA TYR A 29 0.44 4.83 -11.79
C TYR A 29 0.94 3.39 -11.77
N LEU A 30 1.17 2.87 -10.57
CA LEU A 30 1.65 1.50 -10.41
C LEU A 30 0.70 0.69 -9.54
N GLN A 31 -0.52 1.20 -9.37
CA GLN A 31 -1.52 0.52 -8.57
C GLN A 31 -0.97 0.12 -7.22
N ARG A 32 -0.26 1.05 -6.57
CA ARG A 32 0.33 0.79 -5.26
C ARG A 32 -0.23 1.76 -4.22
N ALA A 33 -0.10 1.38 -2.95
CA ALA A 33 -0.59 2.20 -1.85
C ALA A 33 0.41 2.24 -0.70
N THR A 34 0.64 3.44 -0.17
CA THR A 34 1.58 3.61 0.93
C THR A 34 0.88 4.19 2.16
N CYS A 35 0.86 3.41 3.24
CA CYS A 35 0.24 3.83 4.48
C CYS A 35 0.82 5.15 4.97
N LYS A 36 -0.05 6.09 5.33
CA LYS A 36 0.39 7.39 5.81
C LYS A 36 0.44 7.41 7.34
N ARG A 37 0.75 6.27 7.93
CA ARG A 37 0.82 6.15 9.39
C ARG A 37 2.28 5.97 9.83
N GLU A 38 2.72 6.83 10.75
CA GLU A 38 4.08 6.77 11.26
C GLU A 38 4.38 5.39 11.83
N GLY A 39 3.34 4.69 12.26
CA GLY A 39 3.51 3.37 12.82
C GLY A 39 3.69 2.30 11.75
N CYS A 40 3.22 2.59 10.55
CA CYS A 40 3.33 1.64 9.43
C CYS A 40 4.34 2.14 8.41
N GLY A 41 3.91 3.08 7.57
CA GLY A 41 4.79 3.62 6.55
C GLY A 41 5.49 2.53 5.76
N PHE A 42 4.72 1.74 5.04
CA PHE A 42 5.27 0.64 4.23
C PHE A 42 4.66 0.63 2.85
N ASP A 43 5.46 0.25 1.86
CA ASP A 43 5.00 0.20 0.48
C ASP A 43 4.37 -1.16 0.16
N TYR A 44 3.30 -1.14 -0.62
CA TYR A 44 2.61 -2.38 -0.99
C TYR A 44 1.62 -2.13 -2.13
N CYS A 45 1.29 -3.19 -2.86
CA CYS A 45 0.35 -3.08 -3.98
C CYS A 45 -1.08 -3.02 -3.47
N THR A 46 -1.81 -2.01 -3.94
CA THR A 46 -3.21 -1.83 -3.52
C THR A 46 -4.12 -2.86 -4.21
N LYS A 47 -3.56 -3.58 -5.18
CA LYS A 47 -4.32 -4.59 -5.91
C LYS A 47 -4.53 -5.83 -5.06
N CYS A 48 -3.42 -6.47 -4.67
CA CYS A 48 -3.49 -7.67 -3.85
C CYS A 48 -3.29 -7.34 -2.38
N LEU A 49 -3.02 -6.08 -2.10
CA LEU A 49 -2.80 -5.62 -0.73
C LEU A 49 -1.69 -6.42 -0.06
N CYS A 50 -0.67 -6.76 -0.84
CA CYS A 50 0.46 -7.52 -0.32
C CYS A 50 1.78 -6.84 -0.70
N ASN A 51 2.89 -7.50 -0.36
CA ASN A 51 4.22 -6.96 -0.67
C ASN A 51 4.33 -6.60 -2.15
N TYR A 52 4.46 -5.31 -2.41
CA TYR A 52 4.57 -4.82 -3.78
C TYR A 52 5.67 -5.55 -4.53
N HIS A 53 5.55 -5.60 -5.86
CA HIS A 53 6.54 -6.28 -6.69
C HIS A 53 7.90 -5.60 -6.57
N THR A 54 8.74 -6.15 -5.69
CA THR A 54 10.07 -5.60 -5.47
C THR A 54 11.14 -6.69 -5.60
N THR A 55 11.17 -7.59 -4.62
CA THR A 55 12.16 -8.67 -4.63
C THR A 55 12.03 -9.52 -5.89
N LYS A 56 10.94 -10.28 -5.98
CA LYS A 56 10.70 -11.14 -7.13
C LYS A 56 9.27 -10.98 -7.63
N ASP A 57 8.31 -11.39 -6.79
CA ASP A 57 6.90 -11.29 -7.15
C ASP A 57 6.06 -10.85 -5.95
N CYS A 58 4.88 -10.31 -6.22
CA CYS A 58 4.00 -9.84 -5.17
C CYS A 58 3.29 -11.01 -4.49
N SER A 13 -9.92 8.90 -2.18
CA SER A 13 -9.13 8.27 -3.23
C SER A 13 -8.01 7.41 -2.64
N LEU A 14 -7.75 7.61 -1.35
CA LEU A 14 -6.71 6.86 -0.66
C LEU A 14 -7.14 5.42 -0.42
N LYS A 15 -6.19 4.57 -0.07
CA LYS A 15 -6.46 3.16 0.19
C LYS A 15 -6.57 2.90 1.70
N ALA A 16 -7.17 1.77 2.05
CA ALA A 16 -7.33 1.41 3.45
C ALA A 16 -6.38 0.29 3.84
N CYS A 17 -5.44 0.61 4.73
CA CYS A 17 -4.46 -0.36 5.18
C CYS A 17 -5.13 -1.65 5.66
N ILE A 18 -4.46 -2.78 5.46
CA ILE A 18 -5.00 -4.07 5.87
C ILE A 18 -4.76 -4.32 7.35
N ARG A 19 -4.15 -3.35 8.03
CA ARG A 19 -3.87 -3.47 9.45
C ARG A 19 -4.98 -2.83 10.29
N CYS A 20 -5.11 -1.52 10.18
CA CYS A 20 -6.12 -0.78 10.92
C CYS A 20 -6.91 0.14 9.99
N ASN A 21 -6.89 -0.16 8.71
CA ASN A 21 -7.59 0.65 7.71
C ASN A 21 -7.23 2.12 7.86
N SER A 22 -6.05 2.48 7.37
CA SER A 22 -5.58 3.86 7.44
C SER A 22 -5.48 4.47 6.05
N PRO A 23 -5.44 5.81 5.99
CA PRO A 23 -5.33 6.55 4.73
C PRO A 23 -3.97 6.39 4.08
N ALA A 24 -3.89 5.53 3.07
CA ALA A 24 -2.64 5.29 2.36
C ALA A 24 -2.64 5.99 1.00
N LYS A 25 -1.58 6.73 0.72
CA LYS A 25 -1.46 7.45 -0.54
C LYS A 25 -1.50 6.48 -1.71
N TYR A 26 -2.68 6.35 -2.32
CA TYR A 26 -2.87 5.46 -3.46
C TYR A 26 -2.24 6.05 -4.73
N ASP A 27 -1.48 5.23 -5.44
CA ASP A 27 -0.83 5.66 -6.67
C ASP A 27 -1.23 4.78 -7.84
N CYS A 28 -2.27 5.17 -8.55
CA CYS A 28 -2.76 4.41 -9.69
C CYS A 28 -1.64 4.17 -10.70
N TYR A 29 -0.64 5.05 -10.69
CA TYR A 29 0.48 4.94 -11.61
C TYR A 29 1.08 3.54 -11.57
N LEU A 30 1.33 3.03 -10.37
CA LEU A 30 1.89 1.71 -10.20
C LEU A 30 0.99 0.83 -9.33
N GLN A 31 -0.26 1.27 -9.18
CA GLN A 31 -1.23 0.52 -8.37
C GLN A 31 -0.65 0.17 -7.01
N ARG A 32 0.00 1.14 -6.38
CA ARG A 32 0.61 0.91 -5.07
C ARG A 32 -0.03 1.84 -4.03
N ALA A 33 0.13 1.47 -2.75
CA ALA A 33 -0.42 2.27 -1.67
C ALA A 33 0.59 2.42 -0.53
N THR A 34 0.73 3.63 -0.03
CA THR A 34 1.67 3.92 1.05
C THR A 34 0.93 4.38 2.31
N CYS A 35 0.93 3.53 3.33
CA CYS A 35 0.26 3.85 4.58
C CYS A 35 0.85 5.12 5.21
N LYS A 36 0.04 6.18 5.23
CA LYS A 36 0.47 7.45 5.79
C LYS A 36 0.85 7.29 7.26
N ARG A 37 0.25 6.31 7.92
CA ARG A 37 0.51 6.06 9.34
C ARG A 37 2.01 5.94 9.60
N GLU A 38 2.55 6.86 10.38
CA GLU A 38 3.97 6.87 10.70
C GLU A 38 4.39 5.51 11.27
N GLY A 39 3.50 4.89 12.04
CA GLY A 39 3.80 3.59 12.62
C GLY A 39 4.01 2.52 11.59
N CYS A 40 3.40 2.70 10.42
CA CYS A 40 3.52 1.72 9.34
C CYS A 40 4.45 2.23 8.25
N GLY A 41 3.95 3.15 7.43
CA GLY A 41 4.76 3.69 6.35
C GLY A 41 5.46 2.62 5.53
N PHE A 42 4.67 1.80 4.85
CA PHE A 42 5.22 0.72 4.02
C PHE A 42 4.55 0.69 2.66
N ASP A 43 5.31 0.31 1.64
CA ASP A 43 4.80 0.23 0.28
C ASP A 43 4.21 -1.15 0.00
N TYR A 44 3.09 -1.17 -0.72
CA TYR A 44 2.43 -2.43 -1.06
C TYR A 44 1.46 -2.23 -2.23
N CYS A 45 1.20 -3.31 -2.95
CA CYS A 45 0.31 -3.27 -4.09
C CYS A 45 -1.15 -3.21 -3.63
N THR A 46 -1.87 -2.18 -4.09
CA THR A 46 -3.27 -2.00 -3.72
C THR A 46 -4.15 -3.03 -4.43
N LYS A 47 -3.57 -3.77 -5.36
CA LYS A 47 -4.30 -4.80 -6.09
C LYS A 47 -4.54 -6.03 -5.23
N CYS A 48 -3.47 -6.70 -4.84
CA CYS A 48 -3.56 -7.89 -4.01
C CYS A 48 -3.35 -7.54 -2.54
N LEU A 49 -3.12 -6.26 -2.27
CA LEU A 49 -2.91 -5.80 -0.89
C LEU A 49 -1.80 -6.60 -0.22
N CYS A 50 -0.70 -6.80 -0.94
CA CYS A 50 0.43 -7.54 -0.40
C CYS A 50 1.75 -6.86 -0.75
N ASN A 51 2.86 -7.49 -0.39
CA ASN A 51 4.18 -6.93 -0.66
C ASN A 51 4.32 -6.56 -2.13
N TYR A 52 4.43 -5.25 -2.40
CA TYR A 52 4.56 -4.76 -3.76
C TYR A 52 5.70 -5.48 -4.49
N HIS A 53 5.58 -5.59 -5.81
CA HIS A 53 6.59 -6.25 -6.62
C HIS A 53 7.92 -5.51 -6.54
N THR A 54 8.88 -6.10 -5.84
CA THR A 54 10.19 -5.50 -5.68
C THR A 54 11.30 -6.47 -6.08
N THR A 55 11.54 -7.46 -5.22
CA THR A 55 12.57 -8.45 -5.48
C THR A 55 11.96 -9.77 -5.96
N LYS A 56 10.79 -10.10 -5.41
CA LYS A 56 10.10 -11.33 -5.77
C LYS A 56 8.64 -11.06 -6.08
N ASP A 57 7.95 -12.05 -6.63
CA ASP A 57 6.53 -11.92 -6.97
C ASP A 57 5.74 -11.41 -5.78
N CYS A 58 4.82 -10.49 -6.04
CA CYS A 58 3.98 -9.93 -4.98
C CYS A 58 3.32 -11.03 -4.16
N SER A 13 -8.68 9.85 -3.03
CA SER A 13 -8.60 8.54 -3.70
C SER A 13 -7.69 7.61 -2.92
N LEU A 14 -7.36 7.98 -1.68
CA LEU A 14 -6.50 7.17 -0.83
C LEU A 14 -7.13 5.81 -0.55
N LYS A 15 -6.29 4.83 -0.23
CA LYS A 15 -6.77 3.49 0.06
C LYS A 15 -6.77 3.22 1.56
N ALA A 16 -7.41 2.13 1.96
CA ALA A 16 -7.49 1.76 3.37
C ALA A 16 -6.53 0.62 3.70
N CYS A 17 -5.60 0.87 4.61
CA CYS A 17 -4.62 -0.14 5.00
C CYS A 17 -5.32 -1.44 5.38
N ILE A 18 -4.61 -2.55 5.21
CA ILE A 18 -5.15 -3.86 5.54
C ILE A 18 -5.01 -4.17 7.03
N ARG A 19 -4.58 -3.17 7.78
CA ARG A 19 -4.40 -3.33 9.23
C ARG A 19 -5.51 -2.60 9.99
N CYS A 20 -5.61 -1.30 9.78
CA CYS A 20 -6.63 -0.50 10.45
C CYS A 20 -7.36 0.40 9.45
N ASN A 21 -7.33 0.01 8.18
CA ASN A 21 -8.00 0.77 7.13
C ASN A 21 -7.59 2.25 7.19
N SER A 22 -6.29 2.50 7.32
CA SER A 22 -5.77 3.86 7.41
C SER A 22 -5.58 4.44 6.01
N PRO A 23 -5.53 5.78 5.94
CA PRO A 23 -5.35 6.51 4.67
C PRO A 23 -3.96 6.32 4.09
N ALA A 24 -3.86 5.48 3.05
CA ALA A 24 -2.58 5.23 2.40
C ALA A 24 -2.51 5.90 1.04
N LYS A 25 -1.38 6.56 0.77
CA LYS A 25 -1.18 7.25 -0.50
C LYS A 25 -1.28 6.28 -1.67
N TYR A 26 -2.43 6.27 -2.33
CA TYR A 26 -2.66 5.40 -3.47
C TYR A 26 -2.01 5.95 -4.73
N ASP A 27 -1.29 5.09 -5.44
CA ASP A 27 -0.61 5.49 -6.68
C ASP A 27 -0.98 4.56 -7.83
N CYS A 28 -1.97 4.96 -8.61
CA CYS A 28 -2.42 4.16 -9.74
C CYS A 28 -1.26 3.87 -10.69
N TYR A 29 -0.23 4.72 -10.65
CA TYR A 29 0.93 4.55 -11.50
C TYR A 29 1.49 3.13 -11.40
N LEU A 30 1.65 2.65 -10.18
CA LEU A 30 2.17 1.31 -9.94
C LEU A 30 1.19 0.48 -9.12
N GLN A 31 -0.04 0.98 -8.99
CA GLN A 31 -1.07 0.29 -8.24
C GLN A 31 -0.56 -0.10 -6.85
N ARG A 32 -0.02 0.88 -6.13
CA ARG A 32 0.50 0.64 -4.78
C ARG A 32 -0.02 1.69 -3.80
N ALA A 33 0.03 1.36 -2.52
CA ALA A 33 -0.43 2.27 -1.48
C ALA A 33 0.55 2.33 -0.32
N THR A 34 0.73 3.52 0.25
CA THR A 34 1.64 3.71 1.37
C THR A 34 0.92 4.26 2.58
N CYS A 35 0.83 3.46 3.64
CA CYS A 35 0.16 3.87 4.87
C CYS A 35 0.73 5.18 5.39
N LYS A 36 -0.15 6.14 5.62
CA LYS A 36 0.26 7.46 6.12
C LYS A 36 0.63 7.39 7.59
N ARG A 37 0.03 6.43 8.30
CA ARG A 37 0.30 6.25 9.73
C ARG A 37 1.80 6.17 9.99
N GLU A 38 2.32 7.14 10.74
CA GLU A 38 3.74 7.18 11.07
C GLU A 38 4.19 5.86 11.69
N GLY A 39 3.26 5.18 12.35
CA GLY A 39 3.57 3.92 12.99
C GLY A 39 3.83 2.81 11.99
N CYS A 40 3.22 2.93 10.81
CA CYS A 40 3.39 1.93 9.76
C CYS A 40 4.32 2.44 8.67
N GLY A 41 3.81 3.31 7.81
CA GLY A 41 4.62 3.85 6.74
C GLY A 41 5.34 2.78 5.95
N PHE A 42 4.59 1.92 5.28
CA PHE A 42 5.16 0.85 4.49
C PHE A 42 4.53 0.78 3.10
N ASP A 43 5.34 0.43 2.10
CA ASP A 43 4.87 0.34 0.73
C ASP A 43 4.30 -1.04 0.44
N TYR A 44 3.23 -1.09 -0.33
CA TYR A 44 2.59 -2.36 -0.68
C TYR A 44 1.65 -2.19 -1.87
N CYS A 45 1.17 -3.30 -2.40
CA CYS A 45 0.26 -3.29 -3.55
C CYS A 45 -1.17 -3.02 -3.09
N THR A 46 -1.92 -2.30 -3.90
CA THR A 46 -3.31 -1.98 -3.58
C THR A 46 -4.26 -3.06 -4.11
N LYS A 47 -3.77 -3.85 -5.06
CA LYS A 47 -4.57 -4.92 -5.64
C LYS A 47 -4.57 -6.16 -4.75
N CYS A 48 -3.40 -6.79 -4.62
CA CYS A 48 -3.26 -7.98 -3.79
C CYS A 48 -3.27 -7.61 -2.30
N LEU A 49 -3.10 -6.33 -2.02
CA LEU A 49 -3.09 -5.85 -0.64
C LEU A 49 -1.99 -6.55 0.16
N CYS A 50 -0.95 -7.01 -0.53
CA CYS A 50 0.16 -7.69 0.12
C CYS A 50 1.46 -6.95 -0.11
N ASN A 51 2.56 -7.50 0.40
CA ASN A 51 3.87 -6.89 0.25
C ASN A 51 4.16 -6.58 -1.22
N TYR A 52 4.59 -5.35 -1.48
CA TYR A 52 4.89 -4.92 -2.84
C TYR A 52 5.85 -5.90 -3.52
N HIS A 53 5.78 -5.96 -4.85
CA HIS A 53 6.63 -6.85 -5.62
C HIS A 53 8.10 -6.68 -5.23
N THR A 54 8.71 -5.59 -5.68
CA THR A 54 10.10 -5.31 -5.37
C THR A 54 11.00 -6.48 -5.77
N THR A 55 10.54 -7.27 -6.73
CA THR A 55 11.30 -8.42 -7.20
C THR A 55 10.60 -9.09 -8.39
N LYS A 56 11.20 -10.17 -8.88
CA LYS A 56 10.64 -10.90 -10.02
C LYS A 56 9.17 -11.23 -9.78
N ASP A 57 8.86 -11.71 -8.58
CA ASP A 57 7.50 -12.06 -8.23
C ASP A 57 7.05 -11.33 -6.96
N CYS A 58 5.77 -11.42 -6.65
CA CYS A 58 5.21 -10.78 -5.46
C CYS A 58 5.08 -11.77 -4.32
N SER A 13 -9.26 9.35 -2.38
CA SER A 13 -8.86 8.28 -3.28
C SER A 13 -7.81 7.38 -2.63
N LEU A 14 -7.66 7.52 -1.31
CA LEU A 14 -6.70 6.72 -0.56
C LEU A 14 -7.24 5.33 -0.30
N LYS A 15 -6.36 4.42 0.11
CA LYS A 15 -6.76 3.04 0.40
C LYS A 15 -6.74 2.77 1.90
N ALA A 16 -7.28 1.64 2.30
CA ALA A 16 -7.33 1.27 3.71
C ALA A 16 -6.35 0.15 4.01
N CYS A 17 -5.31 0.46 4.78
CA CYS A 17 -4.29 -0.52 5.14
C CYS A 17 -4.94 -1.79 5.68
N ILE A 18 -4.29 -2.93 5.43
CA ILE A 18 -4.80 -4.21 5.90
C ILE A 18 -4.43 -4.46 7.35
N ARG A 19 -3.79 -3.46 7.97
CA ARG A 19 -3.37 -3.57 9.37
C ARG A 19 -4.40 -2.90 10.29
N CYS A 20 -4.65 -1.62 10.05
CA CYS A 20 -5.60 -0.86 10.85
C CYS A 20 -6.43 0.06 9.98
N ASN A 21 -6.55 -0.28 8.70
CA ASN A 21 -7.31 0.53 7.76
C ASN A 21 -6.89 1.99 7.82
N SER A 22 -5.60 2.23 7.65
CA SER A 22 -5.06 3.59 7.69
C SER A 22 -5.01 4.19 6.29
N PRO A 23 -4.92 5.53 6.23
CA PRO A 23 -4.87 6.26 4.96
C PRO A 23 -3.56 6.04 4.21
N ALA A 24 -3.63 5.34 3.08
CA ALA A 24 -2.44 5.06 2.28
C ALA A 24 -2.51 5.77 0.93
N LYS A 25 -1.49 6.55 0.63
CA LYS A 25 -1.44 7.29 -0.63
C LYS A 25 -1.58 6.34 -1.82
N TYR A 26 -2.70 6.46 -2.53
CA TYR A 26 -2.96 5.61 -3.68
C TYR A 26 -2.32 6.19 -4.94
N ASP A 27 -1.56 5.36 -5.65
CA ASP A 27 -0.89 5.79 -6.87
C ASP A 27 -1.38 4.98 -8.07
N CYS A 28 -2.45 5.45 -8.69
CA CYS A 28 -3.02 4.77 -9.84
C CYS A 28 -1.95 4.49 -10.89
N TYR A 29 -0.91 5.33 -10.91
CA TYR A 29 0.17 5.19 -11.86
C TYR A 29 0.71 3.76 -11.87
N LEU A 30 0.91 3.20 -10.68
CA LEU A 30 1.42 1.84 -10.54
C LEU A 30 0.46 0.98 -9.74
N GLN A 31 -0.76 1.50 -9.53
CA GLN A 31 -1.78 0.77 -8.76
C GLN A 31 -1.21 0.27 -7.45
N ARG A 32 -0.61 1.17 -6.68
CA ARG A 32 -0.04 0.81 -5.39
C ARG A 32 -0.41 1.84 -4.32
N ALA A 33 -0.46 1.39 -3.07
CA ALA A 33 -0.81 2.26 -1.96
C ALA A 33 0.30 2.28 -0.91
N THR A 34 0.58 3.47 -0.37
CA THR A 34 1.62 3.61 0.63
C THR A 34 1.04 4.14 1.94
N CYS A 35 1.09 3.32 2.98
CA CYS A 35 0.56 3.70 4.29
C CYS A 35 1.25 4.97 4.80
N LYS A 36 0.45 5.88 5.35
CA LYS A 36 0.98 7.13 5.87
C LYS A 36 1.49 6.95 7.30
N ARG A 37 0.87 6.03 8.03
CA ARG A 37 1.27 5.77 9.41
C ARG A 37 2.77 5.50 9.50
N GLU A 38 3.47 6.32 10.28
CA GLU A 38 4.91 6.17 10.44
C GLU A 38 5.26 4.74 10.89
N GLY A 39 4.36 4.14 11.66
CA GLY A 39 4.59 2.78 12.14
C GLY A 39 4.64 1.77 11.02
N CYS A 40 4.04 2.12 9.89
CA CYS A 40 4.01 1.22 8.73
C CYS A 40 4.87 1.77 7.60
N GLY A 41 4.32 2.75 6.87
CA GLY A 41 5.05 3.34 5.76
C GLY A 41 5.66 2.31 4.84
N PHE A 42 4.80 1.53 4.19
CA PHE A 42 5.26 0.48 3.28
C PHE A 42 4.47 0.52 1.97
N ASP A 43 5.13 0.16 0.88
CA ASP A 43 4.48 0.15 -0.43
C ASP A 43 3.91 -1.23 -0.75
N TYR A 44 2.75 -1.24 -1.37
CA TYR A 44 2.09 -2.50 -1.73
C TYR A 44 1.04 -2.28 -2.82
N CYS A 45 0.72 -3.34 -3.54
CA CYS A 45 -0.26 -3.27 -4.61
C CYS A 45 -1.66 -3.03 -4.06
N THR A 46 -2.32 -1.98 -4.53
CA THR A 46 -3.66 -1.65 -4.09
C THR A 46 -4.72 -2.52 -4.78
N LYS A 47 -4.26 -3.33 -5.73
CA LYS A 47 -5.16 -4.22 -6.47
C LYS A 47 -5.55 -5.43 -5.63
N CYS A 48 -4.55 -6.06 -5.03
CA CYS A 48 -4.78 -7.24 -4.20
C CYS A 48 -4.35 -6.99 -2.77
N LEU A 49 -3.91 -5.77 -2.49
CA LEU A 49 -3.45 -5.40 -1.15
C LEU A 49 -2.38 -6.34 -0.65
N CYS A 50 -1.46 -6.71 -1.55
CA CYS A 50 -0.37 -7.61 -1.20
C CYS A 50 0.98 -6.95 -1.44
N ASN A 51 2.04 -7.57 -0.93
CA ASN A 51 3.39 -7.03 -1.08
C ASN A 51 3.68 -6.72 -2.55
N TYR A 52 4.24 -5.54 -2.80
CA TYR A 52 4.57 -5.12 -4.16
C TYR A 52 5.61 -6.06 -4.77
N HIS A 53 5.83 -5.90 -6.08
CA HIS A 53 6.80 -6.73 -6.78
C HIS A 53 8.21 -6.14 -6.66
N THR A 54 8.34 -5.09 -5.85
CA THR A 54 9.63 -4.44 -5.65
C THR A 54 10.39 -5.06 -4.49
N THR A 55 9.91 -6.21 -4.03
CA THR A 55 10.54 -6.91 -2.92
C THR A 55 10.90 -8.34 -3.29
N LYS A 56 11.29 -9.13 -2.30
CA LYS A 56 11.66 -10.52 -2.53
C LYS A 56 10.59 -11.23 -3.35
N ASP A 57 9.34 -10.95 -3.06
CA ASP A 57 8.22 -11.57 -3.77
C ASP A 57 6.92 -10.79 -3.54
N CYS A 58 6.06 -10.79 -4.54
CA CYS A 58 4.79 -10.07 -4.45
C CYS A 58 3.86 -10.75 -3.45
N SER A 13 -7.87 9.56 -3.73
CA SER A 13 -8.54 8.44 -3.08
C SER A 13 -7.55 7.63 -2.26
N LEU A 14 -7.70 7.67 -0.94
CA LEU A 14 -6.82 6.93 -0.04
C LEU A 14 -7.34 5.51 0.18
N LYS A 15 -6.42 4.56 0.20
CA LYS A 15 -6.77 3.16 0.41
C LYS A 15 -6.87 2.84 1.90
N ALA A 16 -7.11 1.57 2.22
CA ALA A 16 -7.22 1.13 3.60
C ALA A 16 -6.20 0.04 3.91
N CYS A 17 -5.21 0.39 4.74
CA CYS A 17 -4.17 -0.55 5.12
C CYS A 17 -4.77 -1.86 5.63
N ILE A 18 -4.09 -2.96 5.36
CA ILE A 18 -4.57 -4.27 5.79
C ILE A 18 -4.19 -4.55 7.24
N ARG A 19 -3.56 -3.56 7.88
CA ARG A 19 -3.15 -3.69 9.26
C ARG A 19 -4.21 -3.14 10.21
N CYS A 20 -4.53 -1.86 10.04
CA CYS A 20 -5.54 -1.22 10.88
C CYS A 20 -6.43 -0.30 10.05
N ASN A 21 -6.52 -0.58 8.75
CA ASN A 21 -7.34 0.22 7.85
C ASN A 21 -6.98 1.70 7.97
N SER A 22 -5.82 2.07 7.43
CA SER A 22 -5.36 3.45 7.47
C SER A 22 -5.30 4.05 6.06
N PRO A 23 -5.28 5.39 6.00
CA PRO A 23 -5.23 6.11 4.72
C PRO A 23 -3.87 5.96 4.04
N ALA A 24 -3.85 5.23 2.93
CA ALA A 24 -2.62 5.02 2.18
C ALA A 24 -2.67 5.72 0.83
N LYS A 25 -1.65 6.53 0.54
CA LYS A 25 -1.57 7.26 -0.71
C LYS A 25 -1.63 6.30 -1.90
N TYR A 26 -2.76 6.33 -2.62
CA TYR A 26 -2.93 5.47 -3.78
C TYR A 26 -2.23 6.05 -5.01
N ASP A 27 -1.43 5.22 -5.67
CA ASP A 27 -0.71 5.66 -6.87
C ASP A 27 -1.10 4.81 -8.07
N CYS A 28 -2.03 5.33 -8.87
CA CYS A 28 -2.48 4.61 -10.06
C CYS A 28 -1.33 4.34 -11.01
N TYR A 29 -0.26 5.11 -10.87
CA TYR A 29 0.92 4.95 -11.73
C TYR A 29 1.39 3.50 -11.73
N LEU A 30 1.59 2.95 -10.54
CA LEU A 30 2.03 1.57 -10.41
C LEU A 30 1.05 0.75 -9.58
N GLN A 31 -0.16 1.28 -9.43
CA GLN A 31 -1.20 0.58 -8.67
C GLN A 31 -0.67 0.16 -7.30
N ARG A 32 -0.05 1.10 -6.59
CA ARG A 32 0.50 0.82 -5.27
C ARG A 32 0.01 1.84 -4.24
N ALA A 33 -0.07 1.42 -3.00
CA ALA A 33 -0.53 2.29 -1.92
C ALA A 33 0.52 2.42 -0.83
N THR A 34 0.68 3.64 -0.30
CA THR A 34 1.66 3.89 0.74
C THR A 34 0.98 4.34 2.03
N CYS A 35 1.06 3.51 3.06
CA CYS A 35 0.44 3.82 4.35
C CYS A 35 1.03 5.11 4.92
N LYS A 36 0.16 6.03 5.31
CA LYS A 36 0.59 7.30 5.88
C LYS A 36 1.03 7.13 7.33
N ARG A 37 0.51 6.11 7.99
CA ARG A 37 0.84 5.83 9.39
C ARG A 37 2.36 5.78 9.56
N GLU A 38 2.89 6.67 10.38
CA GLU A 38 4.32 6.73 10.64
C GLU A 38 4.83 5.38 11.14
N GLY A 39 3.95 4.63 11.80
CA GLY A 39 4.33 3.33 12.31
C GLY A 39 4.48 2.28 11.23
N CYS A 40 3.85 2.54 10.08
CA CYS A 40 3.92 1.62 8.96
C CYS A 40 4.81 2.16 7.85
N GLY A 41 4.27 3.09 7.06
CA GLY A 41 5.02 3.67 5.97
C GLY A 41 5.71 2.63 5.11
N PHE A 42 4.91 1.79 4.45
CA PHE A 42 5.46 0.74 3.59
C PHE A 42 4.73 0.71 2.25
N ASP A 43 5.46 0.37 1.20
CA ASP A 43 4.89 0.29 -0.14
C ASP A 43 4.30 -1.09 -0.41
N TYR A 44 3.17 -1.13 -1.09
CA TYR A 44 2.51 -2.39 -1.41
C TYR A 44 1.50 -2.20 -2.54
N CYS A 45 1.17 -3.29 -3.22
CA CYS A 45 0.22 -3.26 -4.32
C CYS A 45 -1.20 -3.09 -3.80
N THR A 46 -1.86 -2.01 -4.22
CA THR A 46 -3.22 -1.73 -3.81
C THR A 46 -4.21 -2.70 -4.45
N LYS A 47 -3.73 -3.46 -5.42
CA LYS A 47 -4.56 -4.43 -6.12
C LYS A 47 -4.80 -5.67 -5.26
N CYS A 48 -3.74 -6.44 -5.03
CA CYS A 48 -3.84 -7.64 -4.22
C CYS A 48 -3.64 -7.33 -2.75
N LEU A 49 -3.28 -6.08 -2.46
CA LEU A 49 -3.05 -5.65 -1.09
C LEU A 49 -1.98 -6.50 -0.41
N CYS A 50 -0.84 -6.64 -1.08
CA CYS A 50 0.26 -7.43 -0.54
C CYS A 50 1.60 -6.82 -0.93
N ASN A 51 2.68 -7.49 -0.54
CA ASN A 51 4.02 -7.02 -0.85
C ASN A 51 4.18 -6.72 -2.34
N TYR A 52 4.59 -5.50 -2.66
CA TYR A 52 4.76 -5.10 -4.05
C TYR A 52 5.64 -6.10 -4.80
N HIS A 53 5.49 -6.13 -6.12
CA HIS A 53 6.26 -7.03 -6.95
C HIS A 53 7.75 -6.91 -6.66
N THR A 54 8.32 -5.75 -7.00
CA THR A 54 9.74 -5.51 -6.78
C THR A 54 10.14 -5.87 -5.34
N THR A 55 9.34 -5.42 -4.38
CA THR A 55 9.61 -5.70 -2.97
C THR A 55 9.71 -7.20 -2.72
N LYS A 56 8.58 -7.88 -2.87
CA LYS A 56 8.52 -9.33 -2.65
C LYS A 56 7.67 -10.01 -3.72
N ASP A 57 7.75 -11.33 -3.77
CA ASP A 57 6.98 -12.10 -4.74
C ASP A 57 5.51 -11.71 -4.71
N CYS A 58 5.00 -11.26 -5.85
CA CYS A 58 3.59 -10.85 -5.96
C CYS A 58 2.68 -11.93 -5.42
N SER A 13 -9.23 9.40 -2.22
CA SER A 13 -8.54 8.64 -3.25
C SER A 13 -7.54 7.66 -2.62
N LEU A 14 -7.31 7.81 -1.32
CA LEU A 14 -6.39 6.93 -0.61
C LEU A 14 -7.01 5.57 -0.34
N LYS A 15 -6.19 4.60 0.03
CA LYS A 15 -6.66 3.26 0.33
C LYS A 15 -6.72 3.01 1.83
N ALA A 16 -7.20 1.84 2.23
CA ALA A 16 -7.30 1.48 3.63
C ALA A 16 -6.37 0.32 3.97
N CYS A 17 -5.37 0.60 4.80
CA CYS A 17 -4.40 -0.43 5.20
C CYS A 17 -5.11 -1.67 5.71
N ILE A 18 -4.45 -2.82 5.59
CA ILE A 18 -5.02 -4.08 6.03
C ILE A 18 -4.82 -4.27 7.53
N ARG A 19 -4.21 -3.27 8.18
CA ARG A 19 -3.96 -3.33 9.61
C ARG A 19 -5.02 -2.54 10.38
N CYS A 20 -4.99 -1.22 10.23
CA CYS A 20 -5.94 -0.35 10.91
C CYS A 20 -6.66 0.55 9.91
N ASN A 21 -6.68 0.14 8.65
CA ASN A 21 -7.33 0.92 7.60
C ASN A 21 -6.85 2.36 7.61
N SER A 22 -5.53 2.53 7.58
CA SER A 22 -4.93 3.87 7.59
C SER A 22 -4.87 4.45 6.18
N PRO A 23 -4.73 5.78 6.09
CA PRO A 23 -4.65 6.48 4.81
C PRO A 23 -3.35 6.19 4.07
N ALA A 24 -3.43 5.37 3.02
CA ALA A 24 -2.26 5.03 2.24
C ALA A 24 -2.29 5.72 0.88
N LYS A 25 -1.22 6.44 0.57
CA LYS A 25 -1.12 7.16 -0.70
C LYS A 25 -1.33 6.21 -1.88
N TYR A 26 -2.50 6.28 -2.48
CA TYR A 26 -2.83 5.42 -3.62
C TYR A 26 -2.24 5.99 -4.91
N ASP A 27 -1.53 5.13 -5.64
CA ASP A 27 -0.91 5.55 -6.90
C ASP A 27 -1.40 4.69 -8.05
N CYS A 28 -2.47 5.13 -8.70
CA CYS A 28 -3.04 4.39 -9.81
C CYS A 28 -1.99 4.11 -10.89
N TYR A 29 -0.95 4.96 -10.93
CA TYR A 29 0.12 4.82 -11.90
C TYR A 29 0.67 3.40 -11.89
N LEU A 30 0.92 2.87 -10.70
CA LEU A 30 1.45 1.51 -10.55
C LEU A 30 0.53 0.66 -9.69
N GLN A 31 -0.69 1.16 -9.46
CA GLN A 31 -1.67 0.43 -8.66
C GLN A 31 -1.06 0.01 -7.33
N ARG A 32 -0.38 0.94 -6.66
CA ARG A 32 0.24 0.66 -5.38
C ARG A 32 -0.26 1.62 -4.30
N ALA A 33 -0.09 1.24 -3.04
CA ALA A 33 -0.53 2.08 -1.93
C ALA A 33 0.54 2.13 -0.84
N THR A 34 0.86 3.34 -0.39
CA THR A 34 1.86 3.53 0.64
C THR A 34 1.22 4.00 1.95
N CYS A 35 1.16 3.10 2.93
CA CYS A 35 0.57 3.42 4.23
C CYS A 35 1.26 4.63 4.85
N LYS A 36 0.51 5.71 5.03
CA LYS A 36 1.04 6.93 5.62
C LYS A 36 0.84 6.94 7.13
N ARG A 37 1.09 5.81 7.77
CA ARG A 37 0.93 5.69 9.21
C ARG A 37 2.28 5.84 9.92
N GLU A 38 2.24 6.38 11.13
CA GLU A 38 3.46 6.58 11.91
C GLU A 38 3.90 5.26 12.54
N GLY A 39 4.20 4.27 11.71
CA GLY A 39 4.64 2.98 12.20
C GLY A 39 4.72 1.93 11.10
N CYS A 40 3.88 2.10 10.09
CA CYS A 40 3.86 1.15 8.97
C CYS A 40 4.80 1.61 7.86
N GLY A 41 4.36 2.57 7.06
CA GLY A 41 5.17 3.06 5.97
C GLY A 41 5.74 1.95 5.12
N PHE A 42 4.87 1.20 4.46
CA PHE A 42 5.30 0.10 3.60
C PHE A 42 4.57 0.14 2.26
N ASP A 43 5.26 -0.26 1.20
CA ASP A 43 4.68 -0.27 -0.14
C ASP A 43 4.01 -1.62 -0.42
N TYR A 44 2.87 -1.56 -1.10
CA TYR A 44 2.12 -2.77 -1.43
C TYR A 44 1.10 -2.49 -2.52
N CYS A 45 0.84 -3.50 -3.35
CA CYS A 45 -0.12 -3.36 -4.45
C CYS A 45 -1.54 -3.19 -3.90
N THR A 46 -2.22 -2.16 -4.38
CA THR A 46 -3.58 -1.88 -3.94
C THR A 46 -4.58 -2.81 -4.62
N LYS A 47 -4.08 -3.65 -5.53
CA LYS A 47 -4.93 -4.60 -6.25
C LYS A 47 -5.25 -5.81 -5.38
N CYS A 48 -4.21 -6.43 -4.83
CA CYS A 48 -4.39 -7.60 -3.97
C CYS A 48 -3.96 -7.30 -2.54
N LEU A 49 -3.62 -6.04 -2.28
CA LEU A 49 -3.19 -5.62 -0.95
C LEU A 49 -2.07 -6.52 -0.43
N CYS A 50 -0.98 -6.58 -1.18
CA CYS A 50 0.16 -7.41 -0.80
C CYS A 50 1.48 -6.73 -1.19
N ASN A 51 2.57 -7.23 -0.63
CA ASN A 51 3.89 -6.66 -0.92
C ASN A 51 4.12 -6.53 -2.42
N TYR A 52 4.42 -5.33 -2.86
CA TYR A 52 4.65 -5.06 -4.28
C TYR A 52 5.68 -6.03 -4.84
N HIS A 53 5.83 -6.02 -6.17
CA HIS A 53 6.78 -6.91 -6.84
C HIS A 53 8.19 -6.33 -6.75
N THR A 54 8.32 -5.16 -6.14
CA THR A 54 9.61 -4.51 -6.00
C THR A 54 10.48 -5.22 -4.97
N THR A 55 10.07 -5.14 -3.71
CA THR A 55 10.82 -5.78 -2.63
C THR A 55 11.09 -7.25 -2.94
N LYS A 56 10.10 -7.91 -3.54
CA LYS A 56 10.24 -9.31 -3.90
C LYS A 56 8.97 -9.82 -4.59
N ASP A 57 8.96 -11.11 -4.89
CA ASP A 57 7.80 -11.73 -5.55
C ASP A 57 6.51 -11.39 -4.81
N CYS A 58 5.56 -10.80 -5.52
CA CYS A 58 4.28 -10.42 -4.94
C CYS A 58 3.65 -11.59 -4.20
N SER A 13 -10.10 9.28 -1.24
CA SER A 13 -9.24 8.81 -2.31
C SER A 13 -8.08 7.99 -1.77
N LEU A 14 -7.94 7.98 -0.45
CA LEU A 14 -6.87 7.22 0.20
C LEU A 14 -7.24 5.74 0.32
N LYS A 15 -6.25 4.88 0.19
CA LYS A 15 -6.47 3.44 0.29
C LYS A 15 -6.34 2.97 1.74
N ALA A 16 -7.31 2.20 2.20
CA ALA A 16 -7.30 1.68 3.56
C ALA A 16 -6.35 0.49 3.69
N CYS A 17 -5.35 0.63 4.56
CA CYS A 17 -4.37 -0.42 4.77
C CYS A 17 -5.05 -1.72 5.19
N ILE A 18 -4.38 -2.84 4.96
CA ILE A 18 -4.92 -4.14 5.31
C ILE A 18 -4.68 -4.46 6.79
N ARG A 19 -4.06 -3.51 7.49
CA ARG A 19 -3.77 -3.68 8.90
C ARG A 19 -4.82 -2.99 9.77
N CYS A 20 -4.79 -1.67 9.79
CA CYS A 20 -5.74 -0.88 10.56
C CYS A 20 -6.52 0.08 9.67
N ASN A 21 -6.53 -0.20 8.38
CA ASN A 21 -7.22 0.64 7.41
C ASN A 21 -6.82 2.11 7.58
N SER A 22 -5.56 2.40 7.25
CA SER A 22 -5.05 3.76 7.36
C SER A 22 -5.03 4.45 5.99
N PRO A 23 -4.98 5.79 6.01
CA PRO A 23 -4.96 6.60 4.78
C PRO A 23 -3.65 6.45 4.01
N ALA A 24 -3.61 5.46 3.11
CA ALA A 24 -2.43 5.22 2.31
C ALA A 24 -2.51 5.96 0.97
N LYS A 25 -1.45 6.67 0.62
CA LYS A 25 -1.41 7.42 -0.63
C LYS A 25 -1.52 6.48 -1.82
N TYR A 26 -2.72 6.38 -2.38
CA TYR A 26 -2.96 5.52 -3.53
C TYR A 26 -2.40 6.13 -4.80
N ASP A 27 -1.90 5.29 -5.69
CA ASP A 27 -1.33 5.75 -6.96
C ASP A 27 -1.84 4.90 -8.12
N CYS A 28 -2.84 5.42 -8.83
CA CYS A 28 -3.41 4.70 -9.97
C CYS A 28 -2.34 4.40 -11.01
N TYR A 29 -1.24 5.15 -10.97
CA TYR A 29 -0.15 4.97 -11.92
C TYR A 29 0.28 3.51 -11.96
N LEU A 30 0.60 2.95 -10.79
CA LEU A 30 1.02 1.56 -10.70
C LEU A 30 0.11 0.77 -9.77
N GLN A 31 -1.07 1.33 -9.50
CA GLN A 31 -2.04 0.67 -8.63
C GLN A 31 -1.39 0.26 -7.30
N ARG A 32 -0.65 1.18 -6.70
CA ARG A 32 0.02 0.90 -5.43
C ARG A 32 -0.46 1.85 -4.35
N ALA A 33 -0.29 1.44 -3.10
CA ALA A 33 -0.71 2.25 -1.96
C ALA A 33 0.38 2.32 -0.89
N THR A 34 0.64 3.52 -0.39
CA THR A 34 1.66 3.71 0.64
C THR A 34 1.05 4.20 1.94
N CYS A 35 1.09 3.36 2.96
CA CYS A 35 0.54 3.71 4.27
C CYS A 35 1.22 4.95 4.83
N LYS A 36 0.41 5.93 5.24
CA LYS A 36 0.93 7.17 5.80
C LYS A 36 1.32 6.99 7.27
N ARG A 37 0.67 6.04 7.93
CA ARG A 37 0.94 5.77 9.33
C ARG A 37 2.44 5.56 9.57
N GLU A 38 3.03 6.45 10.36
CA GLU A 38 4.46 6.36 10.66
C GLU A 38 4.83 4.98 11.16
N GLY A 39 3.91 4.35 11.88
CA GLY A 39 4.16 3.01 12.40
C GLY A 39 4.36 1.99 11.31
N CYS A 40 3.65 2.16 10.20
CA CYS A 40 3.76 1.24 9.08
C CYS A 40 4.69 1.79 8.01
N GLY A 41 4.18 2.72 7.21
CA GLY A 41 4.98 3.32 6.16
C GLY A 41 5.68 2.28 5.31
N PHE A 42 4.90 1.49 4.58
CA PHE A 42 5.44 0.44 3.72
C PHE A 42 4.78 0.47 2.34
N ASP A 43 5.52 0.04 1.33
CA ASP A 43 5.00 0.01 -0.04
C ASP A 43 4.30 -1.31 -0.33
N TYR A 44 3.21 -1.24 -1.07
CA TYR A 44 2.45 -2.44 -1.42
C TYR A 44 1.38 -2.13 -2.47
N CYS A 45 0.98 -3.15 -3.22
CA CYS A 45 -0.02 -2.99 -4.26
C CYS A 45 -1.42 -2.91 -3.66
N THR A 46 -2.27 -2.08 -4.26
CA THR A 46 -3.64 -1.91 -3.79
C THR A 46 -4.58 -2.92 -4.45
N LYS A 47 -4.08 -3.61 -5.47
CA LYS A 47 -4.87 -4.60 -6.19
C LYS A 47 -5.05 -5.86 -5.35
N CYS A 48 -3.97 -6.62 -5.20
CA CYS A 48 -4.01 -7.85 -4.42
C CYS A 48 -3.79 -7.57 -2.94
N LEU A 49 -3.47 -6.32 -2.62
CA LEU A 49 -3.23 -5.91 -1.24
C LEU A 49 -2.11 -6.75 -0.62
N CYS A 50 -0.98 -6.84 -1.33
CA CYS A 50 0.16 -7.60 -0.85
C CYS A 50 1.47 -6.86 -1.14
N ASN A 51 2.58 -7.46 -0.73
CA ASN A 51 3.89 -6.86 -0.94
C ASN A 51 4.07 -6.48 -2.40
N TYR A 52 4.50 -5.24 -2.64
CA TYR A 52 4.73 -4.76 -4.00
C TYR A 52 5.85 -5.53 -4.68
N HIS A 53 5.87 -5.47 -6.01
CA HIS A 53 6.90 -6.17 -6.79
C HIS A 53 8.24 -5.44 -6.68
N THR A 54 8.90 -5.58 -5.54
CA THR A 54 10.18 -4.94 -5.31
C THR A 54 11.32 -5.94 -5.47
N THR A 55 11.49 -6.81 -4.48
CA THR A 55 12.54 -7.82 -4.51
C THR A 55 11.99 -9.21 -4.21
N LYS A 56 11.08 -9.27 -3.24
CA LYS A 56 10.47 -10.55 -2.85
C LYS A 56 9.17 -10.77 -3.61
N ASP A 57 8.67 -12.00 -3.56
CA ASP A 57 7.42 -12.35 -4.24
C ASP A 57 6.31 -11.37 -3.87
N CYS A 58 5.55 -10.94 -4.88
CA CYS A 58 4.46 -10.00 -4.65
C CYS A 58 3.52 -10.51 -3.56
N SER A 13 -9.61 9.30 -1.87
CA SER A 13 -8.51 8.95 -2.76
C SER A 13 -7.47 8.10 -2.03
N LEU A 14 -7.60 8.03 -0.71
CA LEU A 14 -6.68 7.25 0.11
C LEU A 14 -7.19 5.82 0.30
N LYS A 15 -6.28 4.86 0.25
CA LYS A 15 -6.64 3.46 0.41
C LYS A 15 -6.50 3.03 1.87
N ALA A 16 -7.50 2.34 2.38
CA ALA A 16 -7.48 1.87 3.77
C ALA A 16 -6.56 0.66 3.92
N CYS A 17 -5.50 0.83 4.70
CA CYS A 17 -4.55 -0.24 4.93
C CYS A 17 -5.25 -1.51 5.40
N ILE A 18 -4.62 -2.66 5.16
CA ILE A 18 -5.19 -3.94 5.56
C ILE A 18 -4.92 -4.23 7.03
N ARG A 19 -4.26 -3.29 7.70
CA ARG A 19 -3.95 -3.45 9.12
C ARG A 19 -4.98 -2.74 9.98
N CYS A 20 -4.96 -1.41 9.94
CA CYS A 20 -5.90 -0.60 10.73
C CYS A 20 -6.64 0.38 9.83
N ASN A 21 -6.70 0.08 8.54
CA ASN A 21 -7.39 0.94 7.58
C ASN A 21 -6.90 2.38 7.70
N SER A 22 -5.65 2.62 7.34
CA SER A 22 -5.07 3.95 7.42
C SER A 22 -5.00 4.59 6.03
N PRO A 23 -4.88 5.93 6.00
CA PRO A 23 -4.80 6.69 4.75
C PRO A 23 -3.49 6.45 4.00
N ALA A 24 -3.53 5.57 3.02
CA ALA A 24 -2.36 5.25 2.22
C ALA A 24 -2.40 5.94 0.87
N LYS A 25 -1.30 6.61 0.51
CA LYS A 25 -1.21 7.32 -0.75
C LYS A 25 -1.40 6.37 -1.94
N TYR A 26 -2.60 6.36 -2.51
CA TYR A 26 -2.90 5.48 -3.63
C TYR A 26 -2.32 6.04 -4.93
N ASP A 27 -1.72 5.16 -5.73
CA ASP A 27 -1.12 5.56 -6.99
C ASP A 27 -1.61 4.68 -8.13
N CYS A 28 -2.57 5.18 -8.90
CA CYS A 28 -3.12 4.42 -10.02
C CYS A 28 -2.03 4.07 -11.03
N TYR A 29 -0.94 4.80 -10.99
CA TYR A 29 0.18 4.57 -11.90
C TYR A 29 0.60 3.11 -11.87
N LEU A 30 0.89 2.60 -10.67
CA LEU A 30 1.31 1.21 -10.51
C LEU A 30 0.37 0.47 -9.56
N GLN A 31 -0.80 1.05 -9.34
CA GLN A 31 -1.80 0.43 -8.45
C GLN A 31 -1.17 0.06 -7.11
N ARG A 32 -0.46 1.01 -6.52
CA ARG A 32 0.19 0.78 -5.23
C ARG A 32 -0.30 1.79 -4.19
N ALA A 33 -0.12 1.44 -2.92
CA ALA A 33 -0.53 2.32 -1.83
C ALA A 33 0.54 2.40 -0.75
N THR A 34 0.78 3.60 -0.23
CA THR A 34 1.77 3.82 0.79
C THR A 34 1.14 4.34 2.08
N CYS A 35 1.06 3.49 3.09
CA CYS A 35 0.47 3.88 4.37
C CYS A 35 1.14 5.13 4.92
N LYS A 36 0.34 6.04 5.46
CA LYS A 36 0.84 7.28 6.02
C LYS A 36 1.26 7.09 7.48
N ARG A 37 0.58 6.17 8.17
CA ARG A 37 0.88 5.90 9.56
C ARG A 37 2.36 5.59 9.75
N GLU A 38 3.03 6.42 10.56
CA GLU A 38 4.45 6.23 10.82
C GLU A 38 4.74 4.81 11.30
N GLY A 39 3.75 4.19 11.93
CA GLY A 39 3.92 2.85 12.44
C GLY A 39 4.06 1.82 11.33
N CYS A 40 3.43 2.10 10.19
CA CYS A 40 3.49 1.20 9.04
C CYS A 40 4.43 1.76 7.97
N GLY A 41 3.92 2.71 7.19
CA GLY A 41 4.72 3.29 6.13
C GLY A 41 5.41 2.25 5.28
N PHE A 42 4.62 1.45 4.58
CA PHE A 42 5.15 0.41 3.72
C PHE A 42 4.46 0.39 2.36
N ASP A 43 5.17 -0.05 1.34
CA ASP A 43 4.62 -0.11 -0.01
C ASP A 43 3.96 -1.46 -0.28
N TYR A 44 2.81 -1.43 -0.94
CA TYR A 44 2.07 -2.65 -1.24
C TYR A 44 1.12 -2.43 -2.42
N CYS A 45 0.70 -3.53 -3.05
CA CYS A 45 -0.21 -3.45 -4.18
C CYS A 45 -1.65 -3.32 -3.71
N THR A 46 -2.31 -2.24 -4.14
CA THR A 46 -3.69 -1.98 -3.75
C THR A 46 -4.64 -2.95 -4.46
N LYS A 47 -4.11 -3.71 -5.41
CA LYS A 47 -4.91 -4.67 -6.15
C LYS A 47 -5.26 -5.88 -5.28
N CYS A 48 -4.26 -6.70 -4.97
CA CYS A 48 -4.46 -7.89 -4.15
C CYS A 48 -4.21 -7.57 -2.68
N LEU A 49 -3.83 -6.33 -2.40
CA LEU A 49 -3.55 -5.90 -1.03
C LEU A 49 -2.45 -6.76 -0.41
N CYS A 50 -1.35 -6.93 -1.14
CA CYS A 50 -0.23 -7.73 -0.66
C CYS A 50 1.09 -7.03 -0.95
N ASN A 51 2.19 -7.71 -0.64
CA ASN A 51 3.52 -7.16 -0.87
C ASN A 51 3.67 -6.66 -2.31
N TYR A 52 4.38 -5.56 -2.47
CA TYR A 52 4.59 -4.98 -3.79
C TYR A 52 5.76 -5.66 -4.50
N HIS A 53 5.78 -5.54 -5.83
CA HIS A 53 6.84 -6.14 -6.63
C HIS A 53 8.12 -5.32 -6.55
N THR A 54 8.65 -5.17 -5.34
CA THR A 54 9.87 -4.41 -5.12
C THR A 54 11.09 -5.17 -5.62
N THR A 55 11.50 -6.19 -4.88
CA THR A 55 12.66 -6.99 -5.25
C THR A 55 12.32 -8.49 -5.20
N LYS A 56 11.61 -8.89 -4.16
CA LYS A 56 11.23 -10.29 -4.00
C LYS A 56 9.88 -10.56 -4.66
N ASP A 57 9.62 -11.83 -4.96
CA ASP A 57 8.38 -12.23 -5.60
C ASP A 57 7.18 -11.67 -4.84
N CYS A 58 6.26 -11.04 -5.56
CA CYS A 58 5.07 -10.46 -4.95
C CYS A 58 4.35 -11.49 -4.09
N SER A 13 -10.05 8.56 -2.11
CA SER A 13 -8.88 8.50 -2.99
C SER A 13 -7.72 7.78 -2.30
N LEU A 14 -7.84 7.60 -0.99
CA LEU A 14 -6.80 6.92 -0.22
C LEU A 14 -7.11 5.44 -0.08
N LYS A 15 -6.07 4.63 0.05
CA LYS A 15 -6.22 3.19 0.19
C LYS A 15 -6.29 2.79 1.66
N ALA A 16 -7.24 1.92 1.98
CA ALA A 16 -7.42 1.46 3.36
C ALA A 16 -6.44 0.34 3.69
N CYS A 17 -5.47 0.61 4.54
CA CYS A 17 -4.48 -0.37 4.93
C CYS A 17 -5.15 -1.66 5.42
N ILE A 18 -4.45 -2.77 5.27
CA ILE A 18 -4.98 -4.07 5.70
C ILE A 18 -4.79 -4.28 7.19
N ARG A 19 -4.21 -3.27 7.86
CA ARG A 19 -3.97 -3.35 9.29
C ARG A 19 -5.08 -2.65 10.07
N CYS A 20 -5.10 -1.31 9.98
CA CYS A 20 -6.11 -0.52 10.67
C CYS A 20 -6.87 0.37 9.69
N ASN A 21 -6.80 0.03 8.41
CA ASN A 21 -7.47 0.80 7.37
C ASN A 21 -7.09 2.28 7.47
N SER A 22 -5.81 2.57 7.31
CA SER A 22 -5.33 3.94 7.38
C SER A 22 -5.27 4.57 6.00
N PRO A 23 -5.24 5.92 5.96
CA PRO A 23 -5.18 6.67 4.70
C PRO A 23 -3.84 6.52 4.00
N ALA A 24 -3.74 5.51 3.13
CA ALA A 24 -2.51 5.26 2.39
C ALA A 24 -2.56 5.92 1.01
N LYS A 25 -1.51 6.65 0.68
CA LYS A 25 -1.44 7.33 -0.61
C LYS A 25 -1.54 6.32 -1.76
N TYR A 26 -2.71 6.30 -2.40
CA TYR A 26 -2.94 5.39 -3.51
C TYR A 26 -2.41 5.97 -4.82
N ASP A 27 -1.61 5.18 -5.52
CA ASP A 27 -1.03 5.61 -6.79
C ASP A 27 -1.47 4.70 -7.92
N CYS A 28 -2.49 5.12 -8.66
CA CYS A 28 -3.01 4.34 -9.78
C CYS A 28 -1.91 4.07 -10.80
N TYR A 29 -0.88 4.91 -10.80
CA TYR A 29 0.22 4.77 -11.73
C TYR A 29 0.78 3.34 -11.70
N LEU A 30 1.06 2.86 -10.50
CA LEU A 30 1.60 1.50 -10.33
C LEU A 30 0.69 0.67 -9.43
N GLN A 31 -0.54 1.14 -9.23
CA GLN A 31 -1.50 0.43 -8.40
C GLN A 31 -0.90 0.09 -7.05
N ARG A 32 -0.19 1.04 -6.46
CA ARG A 32 0.44 0.83 -5.16
C ARG A 32 -0.14 1.78 -4.11
N ALA A 33 0.03 1.41 -2.84
CA ALA A 33 -0.47 2.23 -1.74
C ALA A 33 0.57 2.37 -0.63
N THR A 34 0.72 3.59 -0.12
CA THR A 34 1.68 3.86 0.94
C THR A 34 0.99 4.39 2.19
N CYS A 35 0.97 3.58 3.25
CA CYS A 35 0.35 3.97 4.51
C CYS A 35 0.96 5.26 5.05
N LYS A 36 0.10 6.17 5.48
CA LYS A 36 0.56 7.45 6.03
C LYS A 36 0.90 7.32 7.51
N ARG A 37 0.23 6.39 8.19
CA ARG A 37 0.47 6.17 9.61
C ARG A 37 1.94 5.92 9.89
N GLU A 38 2.54 6.80 10.70
CA GLU A 38 3.95 6.68 11.04
C GLU A 38 4.26 5.28 11.58
N GLY A 39 3.27 4.66 12.20
CA GLY A 39 3.45 3.32 12.75
C GLY A 39 3.69 2.28 11.69
N CYS A 40 3.18 2.54 10.48
CA CYS A 40 3.35 1.61 9.37
C CYS A 40 4.31 2.17 8.32
N GLY A 41 3.81 3.09 7.50
CA GLY A 41 4.63 3.69 6.48
C GLY A 41 5.39 2.66 5.66
N PHE A 42 4.64 1.82 4.93
CA PHE A 42 5.25 0.78 4.10
C PHE A 42 4.62 0.76 2.72
N ASP A 43 5.39 0.32 1.73
CA ASP A 43 4.91 0.24 0.36
C ASP A 43 4.32 -1.12 0.06
N TYR A 44 3.23 -1.14 -0.71
CA TYR A 44 2.56 -2.38 -1.06
C TYR A 44 1.62 -2.18 -2.24
N CYS A 45 1.23 -3.27 -2.89
CA CYS A 45 0.34 -3.22 -4.03
C CYS A 45 -1.12 -3.20 -3.57
N THR A 46 -1.86 -2.19 -4.03
CA THR A 46 -3.26 -2.06 -3.67
C THR A 46 -4.11 -3.12 -4.37
N LYS A 47 -3.51 -3.85 -5.29
CA LYS A 47 -4.20 -4.90 -6.03
C LYS A 47 -4.41 -6.12 -5.16
N CYS A 48 -3.32 -6.80 -4.83
CA CYS A 48 -3.38 -8.00 -3.99
C CYS A 48 -3.22 -7.64 -2.52
N LEU A 49 -2.99 -6.36 -2.25
CA LEU A 49 -2.82 -5.89 -0.87
C LEU A 49 -1.68 -6.63 -0.18
N CYS A 50 -0.57 -6.78 -0.90
CA CYS A 50 0.60 -7.47 -0.36
C CYS A 50 1.88 -6.74 -0.73
N ASN A 51 3.02 -7.32 -0.36
CA ASN A 51 4.32 -6.72 -0.66
C ASN A 51 4.44 -6.39 -2.14
N TYR A 52 4.62 -5.10 -2.43
CA TYR A 52 4.74 -4.64 -3.80
C TYR A 52 5.81 -5.43 -4.55
N HIS A 53 5.64 -5.54 -5.86
CA HIS A 53 6.60 -6.28 -6.70
C HIS A 53 7.97 -5.63 -6.64
N THR A 54 8.85 -6.18 -5.79
CA THR A 54 10.20 -5.66 -5.63
C THR A 54 11.22 -6.79 -5.66
N THR A 55 11.20 -7.64 -4.64
CA THR A 55 12.13 -8.75 -4.56
C THR A 55 11.94 -9.72 -5.73
N LYS A 56 10.77 -10.32 -5.82
CA LYS A 56 10.46 -11.26 -6.89
C LYS A 56 9.00 -11.15 -7.31
N ASP A 57 8.12 -11.68 -6.47
CA ASP A 57 6.69 -11.64 -6.75
C ASP A 57 5.92 -11.01 -5.60
N CYS A 58 4.76 -10.44 -5.91
CA CYS A 58 3.93 -9.79 -4.90
C CYS A 58 3.26 -10.82 -3.99
N SER A 13 -8.99 10.41 -2.26
CA SER A 13 -8.82 9.80 -0.95
C SER A 13 -7.85 8.62 -1.01
N LEU A 14 -7.27 8.27 0.13
CA LEU A 14 -6.33 7.16 0.21
C LEU A 14 -7.05 5.84 0.46
N LYS A 15 -6.35 4.74 0.28
CA LYS A 15 -6.92 3.41 0.48
C LYS A 15 -6.90 3.04 1.96
N ALA A 16 -7.32 1.82 2.27
CA ALA A 16 -7.34 1.34 3.64
C ALA A 16 -6.33 0.21 3.85
N CYS A 17 -5.32 0.49 4.68
CA CYS A 17 -4.29 -0.51 4.97
C CYS A 17 -4.91 -1.82 5.44
N ILE A 18 -4.17 -2.91 5.26
CA ILE A 18 -4.65 -4.23 5.67
C ILE A 18 -4.40 -4.46 7.16
N ARG A 19 -3.86 -3.45 7.83
CA ARG A 19 -3.58 -3.54 9.26
C ARG A 19 -4.63 -2.79 10.06
N CYS A 20 -4.74 -1.48 9.81
CA CYS A 20 -5.71 -0.65 10.52
C CYS A 20 -6.48 0.24 9.55
N ASN A 21 -6.67 -0.26 8.33
CA ASN A 21 -7.39 0.48 7.30
C ASN A 21 -7.00 1.96 7.33
N SER A 22 -5.69 2.21 7.31
CA SER A 22 -5.18 3.57 7.33
C SER A 22 -5.11 4.15 5.91
N PRO A 23 -5.08 5.49 5.82
CA PRO A 23 -5.01 6.19 4.54
C PRO A 23 -3.66 6.01 3.86
N ALA A 24 -3.61 5.11 2.89
CA ALA A 24 -2.37 4.84 2.15
C ALA A 24 -2.40 5.52 0.78
N LYS A 25 -1.41 6.36 0.52
CA LYS A 25 -1.32 7.06 -0.76
C LYS A 25 -1.47 6.09 -1.93
N TYR A 26 -2.61 6.16 -2.59
CA TYR A 26 -2.88 5.29 -3.73
C TYR A 26 -2.34 5.89 -5.03
N ASP A 27 -1.54 5.12 -5.74
CA ASP A 27 -0.95 5.57 -7.00
C ASP A 27 -1.43 4.72 -8.16
N CYS A 28 -2.46 5.21 -8.86
CA CYS A 28 -3.02 4.49 -10.00
C CYS A 28 -1.95 4.22 -11.06
N TYR A 29 -0.89 5.03 -11.04
CA TYR A 29 0.19 4.88 -11.99
C TYR A 29 0.70 3.45 -12.02
N LEU A 30 1.05 2.92 -10.85
CA LEU A 30 1.55 1.56 -10.74
C LEU A 30 0.61 0.70 -9.89
N GLN A 31 -0.59 1.22 -9.64
CA GLN A 31 -1.57 0.50 -8.83
C GLN A 31 -0.97 0.02 -7.52
N ARG A 32 -0.38 0.97 -6.78
CA ARG A 32 0.24 0.64 -5.49
C ARG A 32 -0.17 1.66 -4.43
N ALA A 33 -0.28 1.18 -3.18
CA ALA A 33 -0.66 2.05 -2.08
C ALA A 33 0.42 2.06 -1.00
N THR A 34 0.62 3.23 -0.39
CA THR A 34 1.63 3.37 0.65
C THR A 34 1.02 3.98 1.92
N CYS A 35 0.98 3.18 2.99
CA CYS A 35 0.42 3.63 4.25
C CYS A 35 1.06 4.96 4.69
N LYS A 36 0.22 5.90 5.09
CA LYS A 36 0.70 7.21 5.53
C LYS A 36 0.84 7.26 7.04
N ARG A 37 1.13 6.11 7.65
CA ARG A 37 1.29 6.02 9.09
C ARG A 37 2.75 5.77 9.46
N GLU A 38 3.26 6.57 10.39
CA GLU A 38 4.64 6.44 10.84
C GLU A 38 4.91 5.04 11.38
N GLY A 39 3.84 4.36 11.79
CA GLY A 39 3.98 3.01 12.32
C GLY A 39 4.12 1.97 11.23
N CYS A 40 3.74 2.32 10.02
CA CYS A 40 3.83 1.41 8.89
C CYS A 40 4.71 1.98 7.79
N GLY A 41 4.16 2.90 7.01
CA GLY A 41 4.91 3.51 5.93
C GLY A 41 5.58 2.49 5.04
N PHE A 42 4.79 1.67 4.36
CA PHE A 42 5.30 0.65 3.47
C PHE A 42 4.56 0.64 2.14
N ASP A 43 5.29 0.35 1.07
CA ASP A 43 4.70 0.31 -0.27
C ASP A 43 4.20 -1.09 -0.60
N TYR A 44 3.04 -1.16 -1.24
CA TYR A 44 2.44 -2.44 -1.61
C TYR A 44 1.46 -2.28 -2.77
N CYS A 45 1.00 -3.39 -3.31
CA CYS A 45 0.04 -3.37 -4.42
C CYS A 45 -1.38 -3.19 -3.91
N THR A 46 -2.04 -2.15 -4.39
CA THR A 46 -3.42 -1.86 -3.98
C THR A 46 -4.40 -2.79 -4.68
N LYS A 47 -3.89 -3.59 -5.61
CA LYS A 47 -4.73 -4.53 -6.36
C LYS A 47 -5.14 -5.71 -5.47
N CYS A 48 -4.14 -6.44 -4.98
CA CYS A 48 -4.40 -7.60 -4.12
C CYS A 48 -4.06 -7.28 -2.67
N LEU A 49 -3.60 -6.05 -2.43
CA LEU A 49 -3.24 -5.62 -1.08
C LEU A 49 -2.15 -6.51 -0.50
N CYS A 50 -1.13 -6.80 -1.30
CA CYS A 50 -0.02 -7.64 -0.87
C CYS A 50 1.32 -6.98 -1.16
N ASN A 51 2.39 -7.59 -0.67
CA ASN A 51 3.74 -7.06 -0.89
C ASN A 51 3.99 -6.79 -2.36
N TYR A 52 4.44 -5.59 -2.68
CA TYR A 52 4.72 -5.21 -4.06
C TYR A 52 5.74 -6.16 -4.68
N HIS A 53 5.93 -6.04 -5.99
CA HIS A 53 6.86 -6.88 -6.71
C HIS A 53 8.28 -6.30 -6.67
N THR A 54 8.45 -5.24 -5.88
CA THR A 54 9.74 -4.59 -5.75
C THR A 54 10.50 -5.12 -4.54
N THR A 55 9.77 -5.47 -3.49
CA THR A 55 10.38 -6.00 -2.28
C THR A 55 10.76 -7.47 -2.45
N LYS A 56 9.89 -8.22 -3.12
CA LYS A 56 10.13 -9.65 -3.35
C LYS A 56 8.96 -10.27 -4.09
N ASP A 57 8.95 -11.61 -4.16
CA ASP A 57 7.89 -12.33 -4.85
C ASP A 57 6.51 -11.87 -4.37
N CYS A 58 5.78 -11.20 -5.25
CA CYS A 58 4.46 -10.70 -4.91
C CYS A 58 3.62 -11.78 -4.25
N SER A 13 -9.73 8.59 -2.21
CA SER A 13 -8.71 7.98 -3.07
C SER A 13 -7.72 7.18 -2.24
N LEU A 14 -7.74 7.39 -0.92
CA LEU A 14 -6.84 6.70 -0.02
C LEU A 14 -7.21 5.22 0.10
N LYS A 15 -6.21 4.37 0.30
CA LYS A 15 -6.44 2.93 0.43
C LYS A 15 -6.37 2.50 1.89
N ALA A 16 -7.45 1.90 2.38
CA ALA A 16 -7.50 1.44 3.77
C ALA A 16 -6.51 0.31 4.01
N CYS A 17 -5.47 0.59 4.80
CA CYS A 17 -4.46 -0.42 5.10
C CYS A 17 -5.09 -1.72 5.56
N ILE A 18 -4.38 -2.82 5.37
CA ILE A 18 -4.88 -4.13 5.76
C ILE A 18 -4.63 -4.39 7.24
N ARG A 19 -4.14 -3.37 7.94
CA ARG A 19 -3.85 -3.49 9.36
C ARG A 19 -4.92 -2.77 10.19
N CYS A 20 -5.08 -1.48 9.95
CA CYS A 20 -6.06 -0.68 10.67
C CYS A 20 -6.86 0.20 9.71
N ASN A 21 -6.86 -0.18 8.44
CA ASN A 21 -7.58 0.58 7.41
C ASN A 21 -7.24 2.06 7.49
N SER A 22 -5.95 2.37 7.32
CA SER A 22 -5.48 3.75 7.38
C SER A 22 -5.43 4.35 5.98
N PRO A 23 -5.43 5.69 5.91
CA PRO A 23 -5.39 6.42 4.64
C PRO A 23 -4.02 6.29 3.96
N ALA A 24 -3.93 5.43 2.96
CA ALA A 24 -2.69 5.23 2.24
C ALA A 24 -2.69 5.99 0.91
N LYS A 25 -1.58 6.62 0.59
CA LYS A 25 -1.45 7.39 -0.64
C LYS A 25 -1.56 6.47 -1.86
N TYR A 26 -2.71 6.52 -2.52
CA TYR A 26 -2.94 5.70 -3.70
C TYR A 26 -2.20 6.25 -4.92
N ASP A 27 -1.53 5.36 -5.64
CA ASP A 27 -0.77 5.76 -6.82
C ASP A 27 -1.18 4.92 -8.04
N CYS A 28 -2.13 5.42 -8.82
CA CYS A 28 -2.60 4.72 -10.00
C CYS A 28 -1.44 4.39 -10.94
N TYR A 29 -0.36 5.16 -10.82
CA TYR A 29 0.81 4.95 -11.66
C TYR A 29 1.25 3.49 -11.65
N LEU A 30 1.40 2.95 -10.45
CA LEU A 30 1.81 1.55 -10.30
C LEU A 30 0.78 0.76 -9.48
N GLN A 31 -0.41 1.33 -9.33
CA GLN A 31 -1.48 0.70 -8.59
C GLN A 31 -0.98 0.23 -7.22
N ARG A 32 -0.42 1.17 -6.45
CA ARG A 32 0.09 0.87 -5.12
C ARG A 32 -0.35 1.91 -4.11
N ALA A 33 -0.31 1.56 -2.84
CA ALA A 33 -0.70 2.46 -1.78
C ALA A 33 0.35 2.51 -0.67
N THR A 34 0.56 3.69 -0.11
CA THR A 34 1.54 3.87 0.96
C THR A 34 0.87 4.35 2.24
N CYS A 35 0.91 3.51 3.27
CA CYS A 35 0.31 3.85 4.55
C CYS A 35 0.90 5.15 5.11
N LYS A 36 0.02 6.11 5.39
CA LYS A 36 0.45 7.40 5.91
C LYS A 36 0.80 7.30 7.40
N ARG A 37 0.22 6.31 8.07
CA ARG A 37 0.48 6.09 9.49
C ARG A 37 1.97 5.93 9.76
N GLU A 38 2.53 6.85 10.53
CA GLU A 38 3.95 6.81 10.86
C GLU A 38 4.33 5.45 11.45
N GLY A 39 3.37 4.80 12.09
CA GLY A 39 3.62 3.50 12.69
C GLY A 39 3.91 2.44 11.65
N CYS A 40 3.36 2.60 10.46
CA CYS A 40 3.55 1.65 9.38
C CYS A 40 4.48 2.22 8.32
N GLY A 41 3.96 3.12 7.49
CA GLY A 41 4.76 3.72 6.43
C GLY A 41 5.49 2.68 5.60
N PHE A 42 4.73 1.86 4.88
CA PHE A 42 5.30 0.82 4.04
C PHE A 42 4.66 0.82 2.65
N ASP A 43 5.45 0.44 1.65
CA ASP A 43 4.95 0.41 0.27
C ASP A 43 4.33 -0.95 -0.05
N TYR A 44 3.25 -0.94 -0.80
CA TYR A 44 2.55 -2.17 -1.16
C TYR A 44 1.53 -1.91 -2.27
N CYS A 45 1.19 -2.96 -3.01
CA CYS A 45 0.22 -2.84 -4.10
C CYS A 45 -1.20 -2.74 -3.56
N THR A 46 -2.02 -1.94 -4.21
CA THR A 46 -3.40 -1.74 -3.80
C THR A 46 -4.31 -2.82 -4.36
N LYS A 47 -3.80 -3.56 -5.36
CA LYS A 47 -4.56 -4.61 -5.99
C LYS A 47 -4.61 -5.85 -5.11
N CYS A 48 -3.43 -6.43 -4.84
CA CYS A 48 -3.33 -7.62 -4.01
C CYS A 48 -3.25 -7.25 -2.53
N LEU A 49 -3.07 -5.96 -2.27
CA LEU A 49 -2.97 -5.47 -0.90
C LEU A 49 -1.89 -6.22 -0.13
N CYS A 50 -0.83 -6.61 -0.83
CA CYS A 50 0.26 -7.34 -0.21
C CYS A 50 1.61 -6.68 -0.53
N ASN A 51 2.68 -7.22 0.02
CA ASN A 51 4.02 -6.68 -0.20
C ASN A 51 4.29 -6.51 -1.69
N TYR A 52 4.61 -5.28 -2.09
CA TYR A 52 4.89 -4.97 -3.48
C TYR A 52 5.93 -5.93 -4.06
N HIS A 53 5.96 -6.05 -5.38
CA HIS A 53 6.92 -6.92 -6.04
C HIS A 53 8.34 -6.64 -5.57
N THR A 54 8.89 -5.53 -6.03
CA THR A 54 10.26 -5.14 -5.66
C THR A 54 11.21 -6.32 -5.78
N THR A 55 11.18 -7.00 -6.92
CA THR A 55 12.04 -8.15 -7.15
C THR A 55 11.69 -9.31 -6.23
N LYS A 56 10.39 -9.49 -5.98
CA LYS A 56 9.92 -10.56 -5.12
C LYS A 56 8.60 -11.13 -5.64
N ASP A 57 8.52 -12.45 -5.72
CA ASP A 57 7.32 -13.12 -6.19
C ASP A 57 6.07 -12.57 -5.49
N CYS A 58 5.31 -11.76 -6.19
CA CYS A 58 4.10 -11.16 -5.64
C CYS A 58 3.21 -12.22 -5.01
N SER A 13 -9.54 9.63 -0.63
CA SER A 13 -8.95 9.30 -1.91
C SER A 13 -7.89 8.20 -1.77
N LEU A 14 -7.51 7.93 -0.53
CA LEU A 14 -6.51 6.91 -0.24
C LEU A 14 -7.17 5.56 0.03
N LYS A 15 -6.35 4.50 0.04
CA LYS A 15 -6.86 3.16 0.27
C LYS A 15 -7.02 2.90 1.77
N ALA A 16 -7.40 1.67 2.12
CA ALA A 16 -7.58 1.30 3.51
C ALA A 16 -6.60 0.21 3.92
N CYS A 17 -5.68 0.56 4.83
CA CYS A 17 -4.68 -0.37 5.30
C CYS A 17 -5.33 -1.66 5.80
N ILE A 18 -4.57 -2.75 5.79
CA ILE A 18 -5.07 -4.04 6.23
C ILE A 18 -5.01 -4.16 7.75
N ARG A 19 -4.53 -3.10 8.40
CA ARG A 19 -4.42 -3.09 9.86
C ARG A 19 -5.60 -2.33 10.48
N CYS A 20 -5.75 -1.07 10.10
CA CYS A 20 -6.82 -0.23 10.62
C CYS A 20 -7.45 0.60 9.51
N ASN A 21 -7.46 0.04 8.31
CA ASN A 21 -8.05 0.73 7.16
C ASN A 21 -7.68 2.21 7.17
N SER A 22 -6.38 2.48 7.23
CA SER A 22 -5.90 3.86 7.25
C SER A 22 -5.71 4.39 5.84
N PRO A 23 -5.68 5.72 5.70
CA PRO A 23 -5.50 6.39 4.41
C PRO A 23 -4.10 6.20 3.84
N ALA A 24 -3.97 5.31 2.87
CA ALA A 24 -2.68 5.03 2.24
C ALA A 24 -2.61 5.63 0.85
N LYS A 25 -1.65 6.53 0.64
CA LYS A 25 -1.48 7.18 -0.66
C LYS A 25 -1.44 6.15 -1.78
N TYR A 26 -2.47 6.14 -2.61
CA TYR A 26 -2.56 5.21 -3.73
C TYR A 26 -1.81 5.74 -4.94
N ASP A 27 -0.92 4.92 -5.48
CA ASP A 27 -0.13 5.30 -6.65
C ASP A 27 -0.45 4.41 -7.83
N CYS A 28 -1.46 4.80 -8.61
CA CYS A 28 -1.88 4.03 -9.78
C CYS A 28 -0.69 3.74 -10.68
N TYR A 29 0.32 4.61 -10.62
CA TYR A 29 1.51 4.46 -11.45
C TYR A 29 2.07 3.04 -11.33
N LEU A 30 2.23 2.56 -10.11
CA LEU A 30 2.76 1.23 -9.86
C LEU A 30 1.76 0.39 -9.06
N GLN A 31 0.52 0.87 -8.97
CA GLN A 31 -0.51 0.17 -8.22
C GLN A 31 -0.04 -0.19 -6.82
N ARG A 32 0.44 0.82 -6.10
CA ARG A 32 0.93 0.60 -4.73
C ARG A 32 0.39 1.66 -3.79
N ALA A 33 0.07 1.25 -2.56
CA ALA A 33 -0.47 2.16 -1.56
C ALA A 33 0.55 2.42 -0.46
N THR A 34 0.59 3.66 0.03
CA THR A 34 1.51 4.05 1.09
C THR A 34 0.76 4.55 2.32
N CYS A 35 0.65 3.70 3.32
CA CYS A 35 -0.05 4.07 4.55
C CYS A 35 0.50 5.38 5.12
N LYS A 36 -0.38 6.38 5.20
CA LYS A 36 0.02 7.68 5.72
C LYS A 36 0.26 7.62 7.23
N ARG A 37 -0.39 6.67 7.88
CA ARG A 37 -0.25 6.50 9.33
C ARG A 37 1.22 6.43 9.73
N GLU A 38 1.67 7.41 10.50
CA GLU A 38 3.06 7.46 10.94
C GLU A 38 3.47 6.14 11.62
N GLY A 39 2.50 5.51 12.29
CA GLY A 39 2.77 4.26 12.96
C GLY A 39 3.12 3.14 11.99
N CYS A 40 2.58 3.23 10.78
CA CYS A 40 2.83 2.22 9.75
C CYS A 40 3.85 2.71 8.74
N GLY A 41 3.42 3.58 7.83
CA GLY A 41 4.31 4.11 6.81
C GLY A 41 5.10 3.02 6.11
N PHE A 42 4.40 2.16 5.40
CA PHE A 42 5.05 1.06 4.68
C PHE A 42 4.50 0.94 3.26
N ASP A 43 5.36 0.50 2.34
CA ASP A 43 4.96 0.35 0.95
C ASP A 43 4.38 -1.04 0.70
N TYR A 44 3.35 -1.10 -0.14
CA TYR A 44 2.70 -2.38 -0.46
C TYR A 44 1.76 -2.23 -1.64
N CYS A 45 1.55 -3.33 -2.36
CA CYS A 45 0.66 -3.32 -3.52
C CYS A 45 -0.79 -3.14 -3.10
N THR A 46 -1.45 -2.13 -3.65
CA THR A 46 -2.85 -1.87 -3.33
C THR A 46 -3.77 -2.85 -4.04
N LYS A 47 -3.19 -3.69 -4.90
CA LYS A 47 -3.96 -4.68 -5.64
C LYS A 47 -4.34 -5.86 -4.74
N CYS A 48 -3.34 -6.49 -4.16
CA CYS A 48 -3.56 -7.63 -3.28
C CYS A 48 -3.34 -7.24 -1.81
N LEU A 49 -2.98 -5.99 -1.59
CA LEU A 49 -2.72 -5.49 -0.25
C LEU A 49 -1.68 -6.34 0.47
N CYS A 50 -0.54 -6.54 -0.19
CA CYS A 50 0.54 -7.34 0.37
C CYS A 50 1.89 -6.77 -0.03
N ASN A 51 2.97 -7.47 0.35
CA ASN A 51 4.32 -7.04 0.04
C ASN A 51 4.46 -6.76 -1.45
N TYR A 52 4.88 -5.54 -1.78
CA TYR A 52 5.06 -5.15 -3.17
C TYR A 52 5.93 -6.16 -3.92
N HIS A 53 5.81 -6.16 -5.24
CA HIS A 53 6.58 -7.07 -6.08
C HIS A 53 8.07 -6.99 -5.73
N THR A 54 8.72 -5.92 -6.18
CA THR A 54 10.14 -5.73 -5.92
C THR A 54 10.93 -6.99 -6.22
N THR A 55 10.42 -7.80 -7.15
CA THR A 55 11.09 -9.03 -7.54
C THR A 55 10.53 -9.57 -8.86
N LYS A 56 11.08 -10.68 -9.32
CA LYS A 56 10.65 -11.30 -10.57
C LYS A 56 9.14 -11.56 -10.55
N ASP A 57 8.60 -11.74 -9.35
CA ASP A 57 7.18 -12.00 -9.19
C ASP A 57 6.72 -11.65 -7.78
N CYS A 58 5.42 -11.38 -7.64
CA CYS A 58 4.85 -11.02 -6.34
C CYS A 58 4.74 -12.24 -5.43
N SER A 13 -8.99 9.37 -2.67
CA SER A 13 -8.24 8.37 -3.43
C SER A 13 -7.44 7.48 -2.49
N LEU A 14 -7.40 7.85 -1.21
CA LEU A 14 -6.67 7.07 -0.21
C LEU A 14 -7.28 5.67 -0.06
N LYS A 15 -6.45 4.72 0.34
CA LYS A 15 -6.90 3.34 0.54
C LYS A 15 -7.07 3.03 2.02
N ALA A 16 -7.41 1.78 2.32
CA ALA A 16 -7.60 1.35 3.70
C ALA A 16 -6.62 0.24 4.07
N CYS A 17 -5.63 0.59 4.89
CA CYS A 17 -4.62 -0.38 5.32
C CYS A 17 -5.27 -1.64 5.86
N ILE A 18 -4.57 -2.76 5.74
CA ILE A 18 -5.08 -4.04 6.21
C ILE A 18 -4.87 -4.21 7.71
N ARG A 19 -4.30 -3.18 8.33
CA ARG A 19 -4.03 -3.21 9.77
C ARG A 19 -5.15 -2.50 10.54
N CYS A 20 -5.20 -1.18 10.41
CA CYS A 20 -6.21 -0.39 11.09
C CYS A 20 -7.01 0.47 10.10
N ASN A 21 -6.96 0.08 8.83
CA ASN A 21 -7.66 0.80 7.78
C ASN A 21 -7.31 2.28 7.82
N SER A 22 -6.10 2.62 7.40
CA SER A 22 -5.64 4.00 7.40
C SER A 22 -5.52 4.52 5.97
N PRO A 23 -5.48 5.86 5.82
CA PRO A 23 -5.36 6.51 4.52
C PRO A 23 -3.98 6.31 3.90
N ALA A 24 -3.88 5.38 2.95
CA ALA A 24 -2.62 5.10 2.29
C ALA A 24 -2.56 5.78 0.93
N LYS A 25 -1.47 6.49 0.66
CA LYS A 25 -1.29 7.18 -0.61
C LYS A 25 -1.43 6.21 -1.78
N TYR A 26 -2.54 6.33 -2.51
CA TYR A 26 -2.79 5.47 -3.66
C TYR A 26 -2.14 6.02 -4.92
N ASP A 27 -1.47 5.15 -5.65
CA ASP A 27 -0.79 5.56 -6.88
C ASP A 27 -1.25 4.70 -8.06
N CYS A 28 -2.28 5.17 -8.76
CA CYS A 28 -2.81 4.45 -9.91
C CYS A 28 -1.73 4.19 -10.95
N TYR A 29 -0.68 5.01 -10.91
CA TYR A 29 0.43 4.86 -11.85
C TYR A 29 0.92 3.42 -11.89
N LEU A 30 1.23 2.87 -10.72
CA LEU A 30 1.72 1.50 -10.62
C LEU A 30 0.81 0.66 -9.72
N GLN A 31 -0.40 1.17 -9.48
CA GLN A 31 -1.36 0.47 -8.64
C GLN A 31 -0.73 0.07 -7.30
N ARG A 32 -0.11 1.04 -6.64
CA ARG A 32 0.53 0.79 -5.35
C ARG A 32 0.00 1.73 -4.28
N ALA A 33 0.00 1.28 -3.03
CA ALA A 33 -0.49 2.08 -1.92
C ALA A 33 0.54 2.10 -0.78
N THR A 34 0.65 3.25 -0.13
CA THR A 34 1.58 3.42 0.98
C THR A 34 0.89 4.00 2.21
N CYS A 35 0.89 3.24 3.30
CA CYS A 35 0.26 3.68 4.53
C CYS A 35 0.88 4.99 5.03
N LYS A 36 0.06 6.01 5.17
CA LYS A 36 0.52 7.32 5.63
C LYS A 36 0.29 7.48 7.13
N ARG A 37 0.63 6.44 7.89
CA ARG A 37 0.45 6.46 9.33
C ARG A 37 1.79 6.62 10.04
N GLU A 38 1.75 6.97 11.32
CA GLU A 38 2.97 7.16 12.10
C GLU A 38 3.35 5.87 12.83
N GLY A 39 2.78 4.76 12.38
CA GLY A 39 3.06 3.47 12.99
C GLY A 39 3.21 2.36 11.98
N CYS A 40 3.23 2.71 10.70
CA CYS A 40 3.37 1.75 9.63
C CYS A 40 4.35 2.23 8.57
N GLY A 41 3.88 3.13 7.71
CA GLY A 41 4.73 3.67 6.66
C GLY A 41 5.43 2.57 5.87
N PHE A 42 4.65 1.77 5.15
CA PHE A 42 5.20 0.68 4.36
C PHE A 42 4.57 0.66 2.96
N ASP A 43 5.39 0.31 1.97
CA ASP A 43 4.91 0.25 0.59
C ASP A 43 4.35 -1.13 0.26
N TYR A 44 3.28 -1.16 -0.53
CA TYR A 44 2.65 -2.41 -0.91
C TYR A 44 1.67 -2.20 -2.06
N CYS A 45 1.47 -3.24 -2.86
CA CYS A 45 0.56 -3.17 -4.00
C CYS A 45 -0.89 -3.07 -3.52
N THR A 46 -1.59 -2.04 -3.97
CA THR A 46 -2.98 -1.83 -3.60
C THR A 46 -3.90 -2.83 -4.30
N LYS A 47 -3.33 -3.59 -5.22
CA LYS A 47 -4.10 -4.58 -5.98
C LYS A 47 -4.45 -5.77 -5.09
N CYS A 48 -3.43 -6.48 -4.62
CA CYS A 48 -3.64 -7.65 -3.77
C CYS A 48 -3.34 -7.30 -2.32
N LEU A 49 -2.96 -6.06 -2.07
CA LEU A 49 -2.64 -5.60 -0.72
C LEU A 49 -1.53 -6.44 -0.11
N CYS A 50 -0.46 -6.66 -0.88
CA CYS A 50 0.67 -7.45 -0.41
C CYS A 50 1.99 -6.80 -0.81
N ASN A 51 3.10 -7.48 -0.51
CA ASN A 51 4.42 -6.97 -0.84
C ASN A 51 4.49 -6.57 -2.31
N TYR A 52 4.62 -5.27 -2.56
CA TYR A 52 4.72 -4.76 -3.92
C TYR A 52 5.80 -5.50 -4.71
N HIS A 53 5.59 -5.60 -6.02
CA HIS A 53 6.55 -6.28 -6.89
C HIS A 53 7.92 -5.63 -6.81
N THR A 54 8.88 -6.35 -6.25
CA THR A 54 10.24 -5.84 -6.11
C THR A 54 11.28 -6.91 -6.41
N THR A 55 11.11 -8.07 -5.79
CA THR A 55 12.03 -9.18 -6.00
C THR A 55 11.39 -10.29 -6.82
N LYS A 56 10.56 -9.90 -7.79
CA LYS A 56 9.88 -10.86 -8.65
C LYS A 56 8.88 -11.69 -7.85
N ASP A 57 8.60 -11.26 -6.63
CA ASP A 57 7.67 -11.97 -5.76
C ASP A 57 6.73 -10.99 -5.06
N CYS A 58 5.44 -11.06 -5.40
CA CYS A 58 4.45 -10.17 -4.80
C CYS A 58 3.77 -10.84 -3.62
N SER A 13 -9.64 9.47 -1.77
CA SER A 13 -8.64 9.03 -2.72
C SER A 13 -7.59 8.16 -2.05
N LEU A 14 -7.59 8.15 -0.72
CA LEU A 14 -6.64 7.37 0.04
C LEU A 14 -7.17 5.95 0.28
N LYS A 15 -6.26 4.98 0.20
CA LYS A 15 -6.64 3.58 0.41
C LYS A 15 -6.67 3.24 1.90
N ALA A 16 -7.27 2.10 2.23
CA ALA A 16 -7.36 1.66 3.62
C ALA A 16 -6.44 0.48 3.88
N CYS A 17 -5.42 0.69 4.70
CA CYS A 17 -4.47 -0.36 5.03
C CYS A 17 -5.19 -1.62 5.50
N ILE A 18 -4.55 -2.77 5.33
CA ILE A 18 -5.13 -4.05 5.73
C ILE A 18 -4.93 -4.29 7.22
N ARG A 19 -4.31 -3.33 7.90
CA ARG A 19 -4.05 -3.45 9.33
C ARG A 19 -5.12 -2.71 10.13
N CYS A 20 -5.12 -1.39 10.04
CA CYS A 20 -6.08 -0.56 10.75
C CYS A 20 -6.80 0.39 9.80
N ASN A 21 -6.80 0.05 8.51
CA ASN A 21 -7.44 0.88 7.50
C ASN A 21 -6.97 2.32 7.59
N SER A 22 -5.66 2.52 7.42
CA SER A 22 -5.08 3.85 7.49
C SER A 22 -5.01 4.49 6.10
N PRO A 23 -4.87 5.82 6.06
CA PRO A 23 -4.79 6.56 4.81
C PRO A 23 -3.47 6.31 4.06
N ALA A 24 -3.54 5.50 3.02
CA ALA A 24 -2.36 5.17 2.23
C ALA A 24 -2.39 5.87 0.87
N LYS A 25 -1.29 6.51 0.51
CA LYS A 25 -1.20 7.22 -0.75
C LYS A 25 -1.43 6.27 -1.93
N TYR A 26 -2.64 6.32 -2.49
CA TYR A 26 -2.99 5.46 -3.62
C TYR A 26 -2.40 6.00 -4.92
N ASP A 27 -1.76 5.13 -5.68
CA ASP A 27 -1.15 5.52 -6.95
C ASP A 27 -1.64 4.62 -8.08
N CYS A 28 -2.68 5.06 -8.78
CA CYS A 28 -3.25 4.30 -9.89
C CYS A 28 -2.18 4.02 -10.94
N TYR A 29 -1.14 4.83 -10.96
CA TYR A 29 -0.06 4.69 -11.93
C TYR A 29 0.46 3.25 -11.93
N LEU A 30 0.76 2.73 -10.75
CA LEU A 30 1.27 1.37 -10.62
C LEU A 30 0.36 0.54 -9.71
N GLN A 31 -0.82 1.06 -9.43
CA GLN A 31 -1.77 0.36 -8.57
C GLN A 31 -1.13 -0.01 -7.24
N ARG A 32 -0.48 0.95 -6.61
CA ARG A 32 0.19 0.72 -5.33
C ARG A 32 -0.32 1.72 -4.28
N ALA A 33 -0.12 1.37 -3.01
CA ALA A 33 -0.54 2.23 -1.92
C ALA A 33 0.52 2.30 -0.83
N THR A 34 0.79 3.51 -0.34
CA THR A 34 1.80 3.71 0.70
C THR A 34 1.14 4.17 2.00
N CYS A 35 1.10 3.29 2.99
CA CYS A 35 0.51 3.61 4.27
C CYS A 35 1.21 4.81 4.91
N LYS A 36 0.49 5.92 4.99
CA LYS A 36 1.05 7.14 5.57
C LYS A 36 1.36 6.95 7.05
N ARG A 37 0.65 6.01 7.67
CA ARG A 37 0.86 5.72 9.08
C ARG A 37 2.33 5.45 9.38
N GLU A 38 2.93 6.31 10.21
CA GLU A 38 4.34 6.17 10.57
C GLU A 38 4.63 4.74 11.06
N GLY A 39 3.78 4.25 11.96
CA GLY A 39 3.96 2.91 12.50
C GLY A 39 4.11 1.87 11.40
N CYS A 40 3.48 2.12 10.26
CA CYS A 40 3.54 1.18 9.14
C CYS A 40 4.55 1.67 8.10
N GLY A 41 4.14 2.63 7.29
CA GLY A 41 5.02 3.16 6.25
C GLY A 41 5.66 2.06 5.42
N PHE A 42 4.83 1.30 4.70
CA PHE A 42 5.33 0.22 3.87
C PHE A 42 4.67 0.25 2.49
N ASP A 43 5.41 -0.19 1.48
CA ASP A 43 4.92 -0.20 0.11
C ASP A 43 4.20 -1.51 -0.19
N TYR A 44 3.09 -1.43 -0.93
CA TYR A 44 2.32 -2.62 -1.28
C TYR A 44 1.35 -2.30 -2.42
N CYS A 45 0.98 -3.35 -3.16
CA CYS A 45 0.05 -3.18 -4.27
C CYS A 45 -1.39 -3.14 -3.78
N THR A 46 -2.21 -2.31 -4.42
CA THR A 46 -3.61 -2.18 -4.04
C THR A 46 -4.47 -3.23 -4.73
N LYS A 47 -3.86 -4.00 -5.63
CA LYS A 47 -4.56 -5.04 -6.36
C LYS A 47 -4.59 -6.33 -5.54
N CYS A 48 -3.50 -6.62 -4.85
CA CYS A 48 -3.40 -7.83 -4.03
C CYS A 48 -3.24 -7.47 -2.56
N LEU A 49 -3.07 -6.19 -2.27
CA LEU A 49 -2.91 -5.72 -0.90
C LEU A 49 -1.72 -6.39 -0.24
N CYS A 50 -0.73 -6.78 -1.04
CA CYS A 50 0.47 -7.43 -0.54
C CYS A 50 1.72 -6.65 -0.92
N ASN A 51 2.86 -7.06 -0.37
CA ASN A 51 4.13 -6.40 -0.65
C ASN A 51 4.34 -6.24 -2.16
N TYR A 52 4.73 -5.04 -2.57
CA TYR A 52 4.96 -4.76 -3.98
C TYR A 52 5.90 -5.79 -4.59
N HIS A 53 6.02 -5.76 -5.92
CA HIS A 53 6.88 -6.69 -6.63
C HIS A 53 8.35 -6.32 -6.43
N THR A 54 8.60 -5.17 -5.81
CA THR A 54 9.95 -4.71 -5.56
C THR A 54 10.72 -5.69 -4.69
N THR A 55 10.30 -5.83 -3.45
CA THR A 55 10.96 -6.74 -2.50
C THR A 55 11.12 -8.12 -3.12
N LYS A 56 10.07 -8.60 -3.78
CA LYS A 56 10.10 -9.91 -4.42
C LYS A 56 8.76 -10.21 -5.11
N ASP A 57 8.63 -11.43 -5.59
CA ASP A 57 7.40 -11.85 -6.28
C ASP A 57 6.17 -11.49 -5.45
N CYS A 58 5.37 -10.56 -5.96
CA CYS A 58 4.16 -10.12 -5.27
C CYS A 58 3.30 -11.32 -4.86
N SER A 13 -9.26 9.69 -2.06
CA SER A 13 -8.30 8.97 -2.91
C SER A 13 -7.41 8.07 -2.07
N LEU A 14 -7.48 8.22 -0.76
CA LEU A 14 -6.67 7.41 0.15
C LEU A 14 -7.34 6.06 0.43
N LYS A 15 -6.57 5.00 0.36
CA LYS A 15 -7.08 3.65 0.61
C LYS A 15 -7.11 3.35 2.10
N ALA A 16 -7.51 2.12 2.45
CA ALA A 16 -7.56 1.70 3.84
C ALA A 16 -6.63 0.53 4.11
N CYS A 17 -5.59 0.78 4.89
CA CYS A 17 -4.61 -0.26 5.22
C CYS A 17 -5.31 -1.54 5.66
N ILE A 18 -4.67 -2.67 5.42
CA ILE A 18 -5.24 -3.97 5.79
C ILE A 18 -4.96 -4.28 7.25
N ARG A 19 -4.36 -3.32 7.95
CA ARG A 19 -4.04 -3.49 9.37
C ARG A 19 -5.07 -2.82 10.25
N CYS A 20 -5.27 -1.52 10.04
CA CYS A 20 -6.24 -0.76 10.82
C CYS A 20 -7.04 0.19 9.93
N ASN A 21 -7.14 -0.16 8.64
CA ASN A 21 -7.86 0.66 7.68
C ASN A 21 -7.33 2.09 7.68
N SER A 22 -6.04 2.23 7.91
CA SER A 22 -5.40 3.55 7.93
C SER A 22 -5.34 4.15 6.53
N PRO A 23 -5.17 5.47 6.46
CA PRO A 23 -5.09 6.20 5.18
C PRO A 23 -3.81 5.89 4.43
N ALA A 24 -3.95 5.44 3.18
CA ALA A 24 -2.81 5.11 2.35
C ALA A 24 -2.86 5.87 1.02
N LYS A 25 -1.69 6.32 0.57
CA LYS A 25 -1.60 7.07 -0.68
C LYS A 25 -1.71 6.13 -1.88
N TYR A 26 -2.79 6.25 -2.63
CA TYR A 26 -3.01 5.41 -3.80
C TYR A 26 -2.32 5.99 -5.03
N ASP A 27 -1.56 5.17 -5.73
CA ASP A 27 -0.85 5.59 -6.92
C ASP A 27 -1.29 4.80 -8.14
N CYS A 28 -2.28 5.33 -8.85
CA CYS A 28 -2.81 4.66 -10.04
C CYS A 28 -1.69 4.40 -11.05
N TYR A 29 -0.63 5.18 -10.97
CA TYR A 29 0.51 5.03 -11.87
C TYR A 29 0.98 3.58 -11.92
N LEU A 30 1.18 2.99 -10.74
CA LEU A 30 1.63 1.62 -10.64
C LEU A 30 0.65 0.78 -9.84
N GLN A 31 -0.55 1.31 -9.64
CA GLN A 31 -1.58 0.60 -8.88
C GLN A 31 -1.04 0.12 -7.54
N ARG A 32 -0.39 1.02 -6.81
CA ARG A 32 0.19 0.68 -5.52
C ARG A 32 -0.33 1.63 -4.43
N ALA A 33 -0.25 1.20 -3.18
CA ALA A 33 -0.70 2.01 -2.06
C ALA A 33 0.34 2.04 -0.95
N THR A 34 0.49 3.18 -0.30
CA THR A 34 1.45 3.34 0.79
C THR A 34 0.78 3.85 2.05
N CYS A 35 0.93 3.11 3.15
CA CYS A 35 0.34 3.49 4.43
C CYS A 35 0.99 4.75 4.98
N LYS A 36 0.24 5.85 4.97
CA LYS A 36 0.75 7.12 5.47
C LYS A 36 1.15 7.00 6.94
N ARG A 37 0.49 6.09 7.66
CA ARG A 37 0.79 5.88 9.07
C ARG A 37 2.28 5.69 9.31
N GLU A 38 2.89 6.60 10.06
CA GLU A 38 4.31 6.53 10.35
C GLU A 38 4.68 5.16 10.92
N GLY A 39 3.86 4.66 11.84
CA GLY A 39 4.13 3.36 12.44
C GLY A 39 4.25 2.27 11.41
N CYS A 40 3.58 2.43 10.28
CA CYS A 40 3.63 1.44 9.21
C CYS A 40 4.57 1.89 8.09
N GLY A 41 4.10 2.81 7.26
CA GLY A 41 4.90 3.31 6.16
C GLY A 41 5.54 2.19 5.36
N PHE A 42 4.71 1.39 4.70
CA PHE A 42 5.20 0.28 3.90
C PHE A 42 4.53 0.26 2.52
N ASP A 43 5.28 -0.17 1.51
CA ASP A 43 4.76 -0.24 0.15
C ASP A 43 4.05 -1.56 -0.10
N TYR A 44 2.96 -1.50 -0.86
CA TYR A 44 2.18 -2.70 -1.17
C TYR A 44 1.20 -2.42 -2.30
N CYS A 45 0.72 -3.48 -2.93
CA CYS A 45 -0.24 -3.36 -4.02
C CYS A 45 -1.54 -2.73 -3.55
N THR A 46 -2.18 -1.96 -4.42
CA THR A 46 -3.44 -1.30 -4.09
C THR A 46 -4.62 -2.21 -4.37
N LYS A 47 -4.44 -3.14 -5.30
CA LYS A 47 -5.49 -4.08 -5.67
C LYS A 47 -5.33 -5.40 -4.93
N CYS A 48 -4.11 -5.94 -4.96
CA CYS A 48 -3.82 -7.21 -4.29
C CYS A 48 -3.67 -7.01 -2.80
N LEU A 49 -3.34 -5.79 -2.39
CA LEU A 49 -3.16 -5.47 -0.98
C LEU A 49 -2.10 -6.37 -0.35
N CYS A 50 -0.96 -6.50 -1.02
CA CYS A 50 0.13 -7.34 -0.53
C CYS A 50 1.48 -6.74 -0.89
N ASN A 51 2.55 -7.38 -0.44
CA ASN A 51 3.90 -6.92 -0.72
C ASN A 51 4.09 -6.66 -2.21
N TYR A 52 4.30 -5.41 -2.58
CA TYR A 52 4.49 -5.03 -3.97
C TYR A 52 5.60 -5.87 -4.61
N HIS A 53 5.36 -6.30 -5.84
CA HIS A 53 6.35 -7.11 -6.57
C HIS A 53 7.55 -6.27 -6.97
N THR A 54 8.53 -6.18 -6.09
CA THR A 54 9.73 -5.41 -6.35
C THR A 54 10.88 -6.30 -6.80
N THR A 55 11.47 -7.02 -5.85
CA THR A 55 12.58 -7.92 -6.13
C THR A 55 12.33 -9.31 -5.56
N LYS A 56 11.73 -9.34 -4.37
CA LYS A 56 11.43 -10.60 -3.70
C LYS A 56 10.24 -11.30 -4.36
N ASP A 57 9.61 -10.61 -5.30
CA ASP A 57 8.46 -11.16 -6.00
C ASP A 57 7.29 -11.38 -5.04
N CYS A 58 6.89 -10.33 -4.33
CA CYS A 58 5.80 -10.41 -3.38
C CYS A 58 6.13 -11.37 -2.25
N SER A 13 -9.56 9.27 -2.05
CA SER A 13 -8.37 8.98 -2.85
C SER A 13 -7.41 8.07 -2.08
N LEU A 14 -7.63 7.97 -0.78
CA LEU A 14 -6.77 7.13 0.07
C LEU A 14 -7.32 5.72 0.16
N LYS A 15 -6.45 4.77 0.53
CA LYS A 15 -6.84 3.38 0.66
C LYS A 15 -6.98 2.98 2.12
N ALA A 16 -7.26 1.71 2.36
CA ALA A 16 -7.41 1.20 3.72
C ALA A 16 -6.40 0.09 4.01
N CYS A 17 -5.38 0.41 4.79
CA CYS A 17 -4.35 -0.57 5.14
C CYS A 17 -4.98 -1.86 5.68
N ILE A 18 -4.26 -2.97 5.53
CA ILE A 18 -4.74 -4.25 5.99
C ILE A 18 -4.50 -4.43 7.49
N ARG A 19 -3.90 -3.42 8.10
CA ARG A 19 -3.60 -3.46 9.53
C ARG A 19 -4.67 -2.71 10.32
N CYS A 20 -4.86 -1.43 10.01
CA CYS A 20 -5.84 -0.61 10.70
C CYS A 20 -6.58 0.29 9.71
N ASN A 21 -6.73 -0.19 8.49
CA ASN A 21 -7.42 0.58 7.45
C ASN A 21 -7.02 2.05 7.51
N SER A 22 -5.72 2.31 7.39
CA SER A 22 -5.20 3.67 7.44
C SER A 22 -5.18 4.29 6.04
N PRO A 23 -5.12 5.62 5.98
CA PRO A 23 -5.07 6.36 4.71
C PRO A 23 -3.75 6.17 3.97
N ALA A 24 -3.76 5.30 2.97
CA ALA A 24 -2.57 5.03 2.18
C ALA A 24 -2.61 5.76 0.84
N LYS A 25 -1.54 6.48 0.52
CA LYS A 25 -1.47 7.22 -0.74
C LYS A 25 -1.61 6.28 -1.93
N TYR A 26 -2.77 6.33 -2.58
CA TYR A 26 -3.03 5.48 -3.73
C TYR A 26 -2.35 6.03 -4.98
N ASP A 27 -1.60 5.18 -5.67
CA ASP A 27 -0.90 5.58 -6.88
C ASP A 27 -1.29 4.69 -8.05
N CYS A 28 -2.34 5.10 -8.77
CA CYS A 28 -2.82 4.35 -9.92
C CYS A 28 -1.69 4.11 -10.93
N TYR A 29 -0.69 4.98 -10.90
CA TYR A 29 0.45 4.87 -11.81
C TYR A 29 1.03 3.46 -11.78
N LEU A 30 1.24 2.94 -10.58
CA LEU A 30 1.79 1.60 -10.41
C LEU A 30 0.85 0.72 -9.60
N GLN A 31 -0.39 1.18 -9.43
CA GLN A 31 -1.39 0.43 -8.68
C GLN A 31 -0.84 0.01 -7.32
N ARG A 32 -0.37 0.98 -6.55
CA ARG A 32 0.18 0.70 -5.23
C ARG A 32 -0.27 1.74 -4.22
N ALA A 33 -0.28 1.35 -2.95
CA ALA A 33 -0.70 2.27 -1.88
C ALA A 33 0.37 2.37 -0.80
N THR A 34 0.63 3.59 -0.34
CA THR A 34 1.63 3.83 0.70
C THR A 34 0.99 4.37 1.97
N CYS A 35 0.95 3.54 3.00
CA CYS A 35 0.36 3.93 4.28
C CYS A 35 0.97 5.24 4.77
N LYS A 36 0.11 6.19 5.13
CA LYS A 36 0.57 7.48 5.62
C LYS A 36 0.64 7.50 7.15
N ARG A 37 1.04 6.37 7.73
CA ARG A 37 1.14 6.25 9.18
C ARG A 37 2.61 6.17 9.61
N GLU A 38 2.90 6.74 10.78
CA GLU A 38 4.26 6.73 11.30
C GLU A 38 4.62 5.36 11.86
N GLY A 39 3.64 4.46 11.90
CA GLY A 39 3.87 3.13 12.42
C GLY A 39 4.01 2.10 11.32
N CYS A 40 3.53 2.43 10.12
CA CYS A 40 3.61 1.53 8.99
C CYS A 40 4.52 2.09 7.90
N GLY A 41 3.98 3.01 7.12
CA GLY A 41 4.76 3.61 6.05
C GLY A 41 5.47 2.58 5.19
N PHE A 42 4.69 1.75 4.51
CA PHE A 42 5.25 0.70 3.65
C PHE A 42 4.54 0.67 2.31
N ASP A 43 5.26 0.23 1.27
CA ASP A 43 4.69 0.15 -0.07
C ASP A 43 4.07 -1.23 -0.32
N TYR A 44 2.94 -1.25 -1.01
CA TYR A 44 2.25 -2.49 -1.31
C TYR A 44 1.22 -2.29 -2.42
N CYS A 45 0.96 -3.35 -3.18
CA CYS A 45 -0.01 -3.29 -4.27
C CYS A 45 -1.43 -3.20 -3.73
N THR A 46 -2.18 -2.22 -4.22
CA THR A 46 -3.56 -2.03 -3.79
C THR A 46 -4.51 -2.94 -4.55
N LYS A 47 -3.97 -3.69 -5.51
CA LYS A 47 -4.77 -4.60 -6.31
C LYS A 47 -5.06 -5.89 -5.55
N CYS A 48 -4.07 -6.37 -4.81
CA CYS A 48 -4.22 -7.60 -4.04
C CYS A 48 -3.86 -7.36 -2.57
N LEU A 49 -3.47 -6.13 -2.26
CA LEU A 49 -3.10 -5.77 -0.89
C LEU A 49 -2.03 -6.71 -0.36
N CYS A 50 -0.81 -6.60 -0.87
CA CYS A 50 0.29 -7.45 -0.44
C CYS A 50 1.63 -6.80 -0.77
N ASN A 51 2.71 -7.39 -0.26
CA ASN A 51 4.05 -6.86 -0.49
C ASN A 51 4.29 -6.63 -1.98
N TYR A 52 4.64 -5.40 -2.34
CA TYR A 52 4.89 -5.05 -3.72
C TYR A 52 5.90 -6.01 -4.35
N HIS A 53 6.03 -5.93 -5.67
CA HIS A 53 6.96 -6.79 -6.41
C HIS A 53 8.41 -6.44 -6.06
N THR A 54 8.59 -5.31 -5.39
CA THR A 54 9.93 -4.86 -5.00
C THR A 54 10.73 -5.99 -4.35
N THR A 55 10.27 -6.43 -3.18
CA THR A 55 10.95 -7.51 -2.47
C THR A 55 11.20 -8.70 -3.37
N LYS A 56 10.18 -9.08 -4.14
CA LYS A 56 10.29 -10.21 -5.06
C LYS A 56 8.98 -10.44 -5.80
N ASP A 57 8.91 -11.55 -6.53
CA ASP A 57 7.70 -11.88 -7.29
C ASP A 57 6.47 -11.82 -6.40
N CYS A 58 5.48 -11.03 -6.83
CA CYS A 58 4.25 -10.88 -6.06
C CYS A 58 3.66 -12.24 -5.72
N SER A 13 -9.55 9.09 -2.20
CA SER A 13 -8.63 8.39 -3.08
C SER A 13 -7.65 7.53 -2.27
N LEU A 14 -7.65 7.72 -0.95
CA LEU A 14 -6.77 6.97 -0.07
C LEU A 14 -7.29 5.57 0.15
N LYS A 15 -6.39 4.60 0.22
CA LYS A 15 -6.76 3.20 0.44
C LYS A 15 -6.88 2.90 1.93
N ALA A 16 -7.21 1.64 2.25
CA ALA A 16 -7.34 1.22 3.63
C ALA A 16 -6.35 0.11 3.96
N CYS A 17 -5.36 0.43 4.79
CA CYS A 17 -4.35 -0.54 5.19
C CYS A 17 -5.00 -1.81 5.70
N ILE A 18 -4.29 -2.94 5.55
CA ILE A 18 -4.81 -4.22 6.00
C ILE A 18 -4.56 -4.42 7.50
N ARG A 19 -3.99 -3.40 8.13
CA ARG A 19 -3.71 -3.46 9.56
C ARG A 19 -4.81 -2.77 10.36
N CYS A 20 -4.88 -1.45 10.25
CA CYS A 20 -5.88 -0.67 10.96
C CYS A 20 -6.68 0.20 9.99
N ASN A 21 -6.65 -0.16 8.72
CA ASN A 21 -7.36 0.60 7.70
C ASN A 21 -7.00 2.08 7.77
N SER A 22 -5.80 2.42 7.32
CA SER A 22 -5.34 3.79 7.34
C SER A 22 -5.27 4.36 5.92
N PRO A 23 -5.24 5.70 5.83
CA PRO A 23 -5.17 6.39 4.53
C PRO A 23 -3.82 6.23 3.85
N ALA A 24 -3.75 5.30 2.90
CA ALA A 24 -2.52 5.04 2.18
C ALA A 24 -2.52 5.74 0.82
N LYS A 25 -1.49 6.54 0.57
CA LYS A 25 -1.38 7.27 -0.69
C LYS A 25 -1.53 6.32 -1.88
N TYR A 26 -2.66 6.42 -2.56
CA TYR A 26 -2.94 5.57 -3.72
C TYR A 26 -2.30 6.15 -4.98
N ASP A 27 -1.57 5.30 -5.70
CA ASP A 27 -0.91 5.73 -6.93
C ASP A 27 -1.36 4.87 -8.11
N CYS A 28 -2.42 5.33 -8.78
CA CYS A 28 -2.95 4.60 -9.94
C CYS A 28 -1.86 4.34 -10.97
N TYR A 29 -0.83 5.19 -10.96
CA TYR A 29 0.27 5.05 -11.90
C TYR A 29 0.82 3.63 -11.90
N LEU A 30 1.03 3.08 -10.71
CA LEU A 30 1.55 1.73 -10.57
C LEU A 30 0.61 0.87 -9.75
N GLN A 31 -0.62 1.36 -9.54
CA GLN A 31 -1.62 0.63 -8.78
C GLN A 31 -1.06 0.19 -7.44
N ARG A 32 -0.43 1.11 -6.72
CA ARG A 32 0.15 0.80 -5.43
C ARG A 32 -0.33 1.79 -4.37
N ALA A 33 -0.22 1.40 -3.10
CA ALA A 33 -0.65 2.24 -1.99
C ALA A 33 0.42 2.32 -0.91
N THR A 34 0.66 3.52 -0.41
CA THR A 34 1.66 3.73 0.63
C THR A 34 1.01 4.17 1.94
N CYS A 35 1.07 3.29 2.95
CA CYS A 35 0.48 3.60 4.25
C CYS A 35 1.16 4.80 4.88
N LYS A 36 0.40 5.89 5.05
CA LYS A 36 0.93 7.10 5.64
C LYS A 36 0.68 7.13 7.15
N ARG A 37 0.88 5.98 7.79
CA ARG A 37 0.67 5.86 9.23
C ARG A 37 1.99 6.08 9.98
N GLU A 38 1.89 6.61 11.20
CA GLU A 38 3.07 6.86 12.01
C GLU A 38 3.58 5.57 12.65
N GLY A 39 3.94 4.61 11.81
CA GLY A 39 4.43 3.34 12.31
C GLY A 39 4.58 2.29 11.21
N CYS A 40 3.71 2.37 10.21
CA CYS A 40 3.74 1.43 9.10
C CYS A 40 4.71 1.91 8.01
N GLY A 41 4.26 2.86 7.20
CA GLY A 41 5.10 3.39 6.14
C GLY A 41 5.74 2.28 5.31
N PHE A 42 4.91 1.50 4.63
CA PHE A 42 5.41 0.41 3.80
C PHE A 42 4.76 0.44 2.42
N ASP A 43 5.51 0.01 1.41
CA ASP A 43 5.01 -0.01 0.04
C ASP A 43 4.32 -1.34 -0.26
N TYR A 44 3.23 -1.27 -1.01
CA TYR A 44 2.47 -2.47 -1.37
C TYR A 44 1.43 -2.16 -2.44
N CYS A 45 1.09 -3.19 -3.23
CA CYS A 45 0.11 -3.02 -4.31
C CYS A 45 -1.28 -2.84 -3.73
N THR A 46 -2.04 -1.91 -4.32
CA THR A 46 -3.40 -1.63 -3.87
C THR A 46 -4.38 -2.65 -4.43
N LYS A 47 -3.92 -3.45 -5.38
CA LYS A 47 -4.77 -4.47 -6.00
C LYS A 47 -4.74 -5.77 -5.19
N CYS A 48 -3.53 -6.22 -4.85
CA CYS A 48 -3.37 -7.44 -4.07
C CYS A 48 -3.23 -7.12 -2.59
N LEU A 49 -3.00 -5.85 -2.28
CA LEU A 49 -2.85 -5.42 -0.89
C LEU A 49 -1.69 -6.16 -0.22
N CYS A 50 -0.76 -6.65 -1.02
CA CYS A 50 0.40 -7.37 -0.51
C CYS A 50 1.70 -6.72 -0.97
N ASN A 51 2.82 -7.27 -0.52
CA ASN A 51 4.13 -6.75 -0.89
C ASN A 51 4.23 -6.55 -2.40
N TYR A 52 4.49 -5.31 -2.81
CA TYR A 52 4.61 -5.00 -4.23
C TYR A 52 5.59 -5.95 -4.92
N HIS A 53 5.58 -5.93 -6.25
CA HIS A 53 6.47 -6.78 -7.03
C HIS A 53 7.92 -6.40 -6.81
N THR A 54 8.14 -5.23 -6.22
CA THR A 54 9.49 -4.75 -5.95
C THR A 54 10.32 -5.80 -5.23
N THR A 55 9.66 -6.62 -4.42
CA THR A 55 10.33 -7.68 -3.68
C THR A 55 10.53 -8.93 -4.54
N LYS A 56 10.98 -10.00 -3.92
CA LYS A 56 11.20 -11.26 -4.63
C LYS A 56 9.91 -11.78 -5.24
N ASP A 57 8.80 -11.55 -4.54
CA ASP A 57 7.50 -11.99 -5.01
C ASP A 57 6.41 -11.00 -4.62
N CYS A 58 5.35 -10.93 -5.42
CA CYS A 58 4.24 -10.02 -5.16
C CYS A 58 3.29 -10.61 -4.13
N SER A 13 -8.83 10.51 -0.02
CA SER A 13 -8.10 10.46 -1.28
C SER A 13 -7.11 9.29 -1.28
N LEU A 14 -6.94 8.68 -0.12
CA LEU A 14 -6.03 7.54 0.01
C LEU A 14 -6.80 6.25 0.22
N LYS A 15 -6.11 5.12 0.08
CA LYS A 15 -6.74 3.82 0.25
C LYS A 15 -6.81 3.44 1.73
N ALA A 16 -7.30 2.22 2.00
CA ALA A 16 -7.43 1.75 3.37
C ALA A 16 -6.50 0.56 3.62
N CYS A 17 -5.44 0.80 4.38
CA CYS A 17 -4.47 -0.25 4.70
C CYS A 17 -5.19 -1.50 5.21
N ILE A 18 -4.57 -2.66 4.96
CA ILE A 18 -5.14 -3.93 5.39
C ILE A 18 -4.82 -4.22 6.85
N ARG A 19 -4.17 -3.26 7.50
CA ARG A 19 -3.80 -3.40 8.90
C ARG A 19 -4.84 -2.73 9.80
N CYS A 20 -5.07 -1.45 9.57
CA CYS A 20 -6.04 -0.68 10.36
C CYS A 20 -6.83 0.26 9.47
N ASN A 21 -6.96 -0.08 8.19
CA ASN A 21 -7.70 0.73 7.24
C ASN A 21 -7.21 2.18 7.28
N SER A 22 -5.90 2.36 7.36
CA SER A 22 -5.31 3.69 7.41
C SER A 22 -5.12 4.24 6.00
N PRO A 23 -5.00 5.59 5.91
CA PRO A 23 -4.81 6.27 4.63
C PRO A 23 -3.44 6.00 4.02
N ALA A 24 -3.43 5.45 2.82
CA ALA A 24 -2.17 5.14 2.13
C ALA A 24 -2.15 5.77 0.73
N LYS A 25 -1.08 6.49 0.44
CA LYS A 25 -0.94 7.14 -0.86
C LYS A 25 -1.21 6.16 -1.99
N TYR A 26 -2.38 6.27 -2.60
CA TYR A 26 -2.76 5.39 -3.70
C TYR A 26 -2.22 5.91 -5.03
N ASP A 27 -1.71 5.01 -5.85
CA ASP A 27 -1.17 5.37 -7.16
C ASP A 27 -1.76 4.49 -8.26
N CYS A 28 -2.80 4.98 -8.91
CA CYS A 28 -3.46 4.24 -9.98
C CYS A 28 -2.45 3.87 -11.08
N TYR A 29 -1.36 4.64 -11.14
CA TYR A 29 -0.33 4.39 -12.16
C TYR A 29 0.09 2.93 -12.16
N LEU A 30 0.44 2.41 -10.97
CA LEU A 30 0.86 1.03 -10.85
C LEU A 30 -0.03 0.28 -9.85
N GLN A 31 -1.18 0.85 -9.55
CA GLN A 31 -2.12 0.25 -8.62
C GLN A 31 -1.42 -0.13 -7.32
N ARG A 32 -0.64 0.79 -6.78
CA ARG A 32 0.09 0.57 -5.54
C ARG A 32 -0.35 1.55 -4.46
N ALA A 33 -0.13 1.19 -3.20
CA ALA A 33 -0.50 2.04 -2.08
C ALA A 33 0.57 2.03 -1.00
N THR A 34 0.86 3.18 -0.43
CA THR A 34 1.86 3.30 0.62
C THR A 34 1.29 4.01 1.85
N CYS A 35 1.18 3.28 2.95
CA CYS A 35 0.65 3.83 4.19
C CYS A 35 1.48 5.04 4.64
N LYS A 36 0.82 6.00 5.25
CA LYS A 36 1.49 7.21 5.74
C LYS A 36 1.72 7.14 7.24
N ARG A 37 0.99 6.26 7.91
CA ARG A 37 1.11 6.09 9.35
C ARG A 37 2.57 5.91 9.75
N GLU A 38 2.91 6.34 10.96
CA GLU A 38 4.27 6.23 11.46
C GLU A 38 4.53 4.84 12.02
N GLY A 39 3.53 3.98 11.95
CA GLY A 39 3.66 2.62 12.45
C GLY A 39 3.69 1.59 11.34
N CYS A 40 3.61 2.06 10.09
CA CYS A 40 3.64 1.17 8.94
C CYS A 40 4.59 1.69 7.86
N GLY A 41 4.12 2.66 7.10
CA GLY A 41 4.94 3.23 6.04
C GLY A 41 5.56 2.16 5.15
N PHE A 42 4.72 1.38 4.48
CA PHE A 42 5.19 0.32 3.60
C PHE A 42 4.42 0.33 2.29
N ASP A 43 5.07 -0.12 1.22
CA ASP A 43 4.45 -0.17 -0.10
C ASP A 43 3.78 -1.52 -0.33
N TYR A 44 2.61 -1.50 -0.96
CA TYR A 44 1.86 -2.72 -1.24
C TYR A 44 0.83 -2.48 -2.33
N CYS A 45 0.54 -3.53 -3.10
CA CYS A 45 -0.44 -3.44 -4.18
C CYS A 45 -1.85 -3.33 -3.62
N THR A 46 -2.66 -2.47 -4.22
CA THR A 46 -4.04 -2.27 -3.79
C THR A 46 -4.97 -3.30 -4.42
N LYS A 47 -4.46 -4.01 -5.42
CA LYS A 47 -5.24 -5.02 -6.12
C LYS A 47 -5.16 -6.36 -5.40
N CYS A 48 -3.98 -6.68 -4.86
CA CYS A 48 -3.78 -7.93 -4.14
C CYS A 48 -3.63 -7.68 -2.64
N LEU A 49 -3.49 -6.40 -2.27
CA LEU A 49 -3.34 -6.03 -0.87
C LEU A 49 -2.21 -6.81 -0.21
N CYS A 50 -1.11 -6.97 -0.93
CA CYS A 50 0.05 -7.71 -0.42
C CYS A 50 1.35 -6.96 -0.72
N ASN A 51 2.46 -7.51 -0.24
CA ASN A 51 3.76 -6.89 -0.46
C ASN A 51 3.99 -6.58 -1.93
N TYR A 52 4.25 -5.33 -2.24
CA TYR A 52 4.47 -4.90 -3.62
C TYR A 52 5.70 -5.60 -4.20
N HIS A 53 5.82 -5.56 -5.53
CA HIS A 53 6.94 -6.19 -6.21
C HIS A 53 8.20 -5.34 -6.07
N THR A 54 8.72 -5.27 -4.85
CA THR A 54 9.93 -4.50 -4.58
C THR A 54 11.14 -5.39 -4.39
N THR A 55 11.15 -6.14 -3.28
CA THR A 55 12.25 -7.04 -2.98
C THR A 55 12.50 -8.01 -4.12
N LYS A 56 11.58 -8.94 -4.32
CA LYS A 56 11.70 -9.92 -5.40
C LYS A 56 10.37 -10.12 -6.10
N ASP A 57 9.37 -10.60 -5.37
CA ASP A 57 8.05 -10.82 -5.94
C ASP A 57 6.96 -10.48 -4.93
N CYS A 58 5.72 -10.35 -5.41
CA CYS A 58 4.60 -10.01 -4.55
C CYS A 58 4.15 -11.23 -3.75
#